data_7TP4
#
_entry.id   7TP4
#
_cell.length_a   68.638
_cell.length_b   277.273
_cell.length_c   91.386
_cell.angle_alpha   90.000
_cell.angle_beta   90.000
_cell.angle_gamma   90.000
#
_symmetry.space_group_name_H-M   'C 2 2 21'
#
loop_
_entity.id
_entity.type
_entity.pdbx_description
1 polymer 'Spike protein S1'
2 polymer 'K398.22 heavy chain'
3 polymer 'K398.22 light chain'
4 branched 2-acetamido-2-deoxy-beta-D-glucopyranose-(1-4)-[alpha-L-fucopyranose-(1-6)]2-acetamido-2-deoxy-beta-D-glucopyranose
5 non-polymer 1,2-ETHANEDIOL
6 water water
#
loop_
_entity_poly.entity_id
_entity_poly.type
_entity_poly.pdbx_seq_one_letter_code
_entity_poly.pdbx_strand_id
1 'polypeptide(L)'
;TNLCPFGEVFNATRFASVYAWNRKRISNCVADYSVLYNSASFSTFKCYGVSPTKLNDLCFTNVYADSFVIRGDEVRQIAP
GQTGKIADYNYKLPDDFTGCVIAWNSNNLDSKVGGNYNYLYRLFRKSNLKPFERDISTEIYQAGSTPCNGVEGFNCYFPL
QSYGFQPTNGVGYQPYRVVVLSFELLHAPATVCGPKKSGHHHHHH
;
Z
2 'polypeptide(L)'
;EVQLAESGGGLVKPGGSLRLSCVASGFTFSSNEMHWVRQAPGKGLEWVSVISESGFTTEYADSVKGRFTISRDNAKNSLF
LQMNSLRAEDTAVYYCTRVSIFGQFIVATYFDYWGQGVLVTVSSASTKGPSVFPLAPSSKSTSGGTAALGCLVKDYFPEP
VTVSWNSGALTSGVHTFPAVLQSSGLYSLSSVVTVPSSSLGTQTYICNVNHKPSNTKVDKRVEPKSC
;
H
3 'polypeptide(L)'
;QAALTQPRSVSGSPGQSVTISCTGTSSDIGGYNYVSWYQQHPGTAPKLMIYAVSERPSGVSDRFSGSKSGNTASLTISGL
QAEDEADYYCCSYAGTVLFGGGTRLTVLGQPKAAPSVTLFPPSSEELQANKATLVCLISDFYPGAVTVAWKADSSPVKAG
VETTTPSKQSNNKYAASSYLSLTPEQWKSHRSYSCQVTHEGSTVEKTVAPTECS
;
L
#
loop_
_chem_comp.id
_chem_comp.type
_chem_comp.name
_chem_comp.formula
EDO non-polymer 1,2-ETHANEDIOL 'C2 H6 O2'
FUC L-saccharide, alpha linking alpha-L-fucopyranose 'C6 H12 O5'
NAG D-saccharide, beta linking 2-acetamido-2-deoxy-beta-D-glucopyranose 'C8 H15 N O6'
#
# COMPACT_ATOMS: atom_id res chain seq x y z
N ASN A 2 -23.27 14.13 28.71
CA ASN A 2 -21.82 13.99 28.92
C ASN A 2 -21.28 12.62 28.49
N LEU A 3 -20.29 12.67 27.60
CA LEU A 3 -19.72 11.47 26.98
C LEU A 3 -18.89 10.67 27.99
N CYS A 4 -18.89 9.34 27.82
CA CYS A 4 -18.11 8.48 28.68
C CYS A 4 -16.61 8.69 28.42
N PRO A 5 -15.78 8.59 29.45
CA PRO A 5 -14.35 8.97 29.31
C PRO A 5 -13.47 7.84 28.77
N PHE A 6 -13.89 7.23 27.65
CA PHE A 6 -13.13 6.14 27.08
C PHE A 6 -11.71 6.56 26.72
N GLY A 7 -11.54 7.82 26.31
CA GLY A 7 -10.24 8.30 25.88
C GLY A 7 -9.14 8.20 26.93
N GLU A 8 -9.48 8.37 28.21
CA GLU A 8 -8.40 8.26 29.18
C GLU A 8 -7.98 6.81 29.41
N VAL A 9 -8.72 5.84 28.88
CA VAL A 9 -8.25 4.45 28.88
C VAL A 9 -7.52 4.13 27.57
N PHE A 10 -8.20 4.36 26.44
CA PHE A 10 -7.65 3.92 25.13
C PHE A 10 -6.41 4.74 24.78
N ASN A 11 -6.40 6.01 25.14
CA ASN A 11 -5.36 6.96 24.71
C ASN A 11 -4.43 7.27 25.89
N ALA A 12 -4.37 6.39 26.88
CA ALA A 12 -3.50 6.59 28.06
C ALA A 12 -2.03 6.54 27.62
N THR A 13 -1.18 7.39 28.22
CA THR A 13 0.21 7.49 27.78
C THR A 13 0.97 6.19 27.99
N ARG A 14 0.87 5.61 29.19
CA ARG A 14 1.44 4.29 29.47
C ARG A 14 0.33 3.33 29.86
N PHE A 15 0.56 2.05 29.63
CA PHE A 15 -0.35 0.99 30.03
C PHE A 15 0.31 0.15 31.12
N ALA A 16 -0.50 -0.68 31.78
CA ALA A 16 0.00 -1.55 32.83
C ALA A 16 0.62 -2.83 32.26
N SER A 17 1.62 -3.35 32.98
CA SER A 17 2.02 -4.74 32.75
C SER A 17 0.84 -5.67 32.99
N VAL A 18 0.73 -6.70 32.17
CA VAL A 18 -0.46 -7.54 32.17
C VAL A 18 -0.69 -8.19 33.54
N TYR A 19 0.39 -8.53 34.27
CA TYR A 19 0.19 -9.15 35.58
C TYR A 19 -0.43 -8.16 36.56
N ALA A 20 -0.21 -6.86 36.33
CA ALA A 20 -0.70 -5.79 37.20
C ALA A 20 -1.76 -4.98 36.46
N TRP A 21 -2.68 -5.67 35.79
CA TRP A 21 -3.59 -5.01 34.87
C TRP A 21 -4.51 -4.03 35.59
N ASN A 22 -4.81 -2.92 34.91
CA ASN A 22 -5.64 -1.86 35.47
C ASN A 22 -7.10 -2.09 35.10
N ARG A 23 -7.99 -1.60 35.97
CA ARG A 23 -9.43 -1.55 35.72
C ARG A 23 -9.91 -0.12 35.90
N LYS A 24 -10.79 0.32 35.00
CA LYS A 24 -11.40 1.63 35.09
C LYS A 24 -12.90 1.44 35.08
N ARG A 25 -13.59 1.99 36.08
CA ARG A 25 -15.05 1.89 36.14
C ARG A 25 -15.62 3.08 35.38
N ILE A 26 -16.51 2.79 34.45
CA ILE A 26 -17.23 3.82 33.70
C ILE A 26 -18.68 3.79 34.16
N SER A 27 -19.22 4.97 34.50
CA SER A 27 -20.60 5.06 34.98
C SER A 27 -21.14 6.46 34.70
N ASN A 28 -22.47 6.58 34.71
CA ASN A 28 -23.12 7.89 34.71
C ASN A 28 -22.79 8.70 33.46
N CYS A 29 -22.96 8.08 32.28
CA CYS A 29 -22.56 8.75 31.05
C CYS A 29 -23.15 8.04 29.85
N VAL A 30 -23.09 8.72 28.70
CA VAL A 30 -23.57 8.19 27.43
C VAL A 30 -22.37 7.63 26.67
N ALA A 31 -22.52 6.41 26.15
CA ALA A 31 -21.43 5.66 25.54
C ALA A 31 -21.84 5.19 24.15
N ASP A 32 -21.12 5.65 23.13
CA ASP A 32 -21.38 5.26 21.73
C ASP A 32 -20.38 4.18 21.35
N TYR A 33 -20.82 2.92 21.40
CA TYR A 33 -19.93 1.81 21.10
C TYR A 33 -19.66 1.66 19.60
N SER A 34 -20.53 2.17 18.73
CA SER A 34 -20.20 2.21 17.31
C SER A 34 -19.17 3.31 17.00
N VAL A 35 -19.34 4.51 17.56
CA VAL A 35 -18.32 5.54 17.37
C VAL A 35 -17.01 5.17 18.07
N LEU A 36 -17.04 4.27 19.06
CA LEU A 36 -15.78 3.75 19.61
C LEU A 36 -15.20 2.64 18.75
N TYR A 37 -16.04 1.81 18.13
CA TYR A 37 -15.55 0.95 17.06
C TYR A 37 -14.71 1.75 16.06
N ASN A 38 -15.19 2.95 15.71
CA ASN A 38 -14.56 3.79 14.70
C ASN A 38 -13.71 4.92 15.30
N SER A 39 -13.31 4.82 16.58
CA SER A 39 -12.37 5.80 17.14
C SER A 39 -11.12 5.89 16.29
N ALA A 40 -10.50 4.74 16.05
CA ALA A 40 -9.27 4.63 15.30
C ALA A 40 -9.28 3.27 14.59
N SER A 41 -8.11 2.82 14.18
CA SER A 41 -7.99 1.53 13.53
C SER A 41 -7.42 0.55 14.55
N PHE A 42 -8.19 -0.49 14.84
CA PHE A 42 -7.86 -1.53 15.80
C PHE A 42 -7.51 -2.81 15.05
N SER A 43 -6.48 -3.50 15.54
CA SER A 43 -6.11 -4.80 14.99
C SER A 43 -7.11 -5.88 15.38
N THR A 44 -7.67 -5.81 16.58
CA THR A 44 -8.65 -6.78 17.05
C THR A 44 -9.77 -6.02 17.74
N PHE A 45 -11.02 -6.38 17.42
CA PHE A 45 -12.21 -5.86 18.10
C PHE A 45 -13.27 -6.97 18.03
N LYS A 46 -13.27 -7.83 19.03
CA LYS A 46 -14.09 -9.03 19.05
C LYS A 46 -15.08 -8.88 20.20
N CYS A 47 -16.38 -8.86 19.89
CA CYS A 47 -17.41 -8.74 20.91
C CYS A 47 -18.08 -10.09 21.06
N TYR A 48 -18.09 -10.61 22.28
CA TYR A 48 -18.65 -11.92 22.54
C TYR A 48 -20.09 -11.75 22.99
N GLY A 49 -20.94 -12.68 22.61
CA GLY A 49 -22.35 -12.43 22.85
C GLY A 49 -23.04 -11.47 21.88
N VAL A 50 -22.95 -10.15 22.12
CA VAL A 50 -23.83 -9.19 21.48
C VAL A 50 -23.02 -8.12 20.74
N SER A 51 -23.54 -7.72 19.57
CA SER A 51 -22.92 -6.72 18.70
C SER A 51 -22.73 -5.38 19.40
N PRO A 52 -21.85 -4.50 18.86
CA PRO A 52 -21.75 -3.11 19.36
C PRO A 52 -22.94 -2.22 19.01
N THR A 53 -23.37 -2.26 17.74
CA THR A 53 -24.56 -1.49 17.35
C THR A 53 -25.75 -1.79 18.26
N LYS A 54 -25.90 -3.04 18.71
CA LYS A 54 -26.94 -3.41 19.64
C LYS A 54 -26.60 -3.05 21.09
N LEU A 55 -25.31 -3.02 21.46
CA LEU A 55 -24.94 -2.49 22.77
C LEU A 55 -25.41 -1.05 22.95
N ASN A 56 -25.44 -0.29 21.86
CA ASN A 56 -25.92 1.09 21.93
C ASN A 56 -27.39 1.21 22.36
N ASP A 57 -28.13 0.10 22.44
CA ASP A 57 -29.53 0.14 22.82
C ASP A 57 -29.78 -0.40 24.22
N LEU A 58 -28.74 -0.81 24.94
CA LEU A 58 -28.88 -1.30 26.30
C LEU A 58 -28.36 -0.27 27.30
N CYS A 59 -28.60 -0.57 28.58
CA CYS A 59 -28.09 0.20 29.71
C CYS A 59 -27.47 -0.76 30.73
N PHE A 60 -26.42 -0.32 31.41
CA PHE A 60 -25.80 -1.11 32.46
C PHE A 60 -25.57 -0.25 33.70
N THR A 61 -25.46 -0.92 34.84
CA THR A 61 -25.07 -0.20 36.06
C THR A 61 -23.63 0.29 35.96
N ASN A 62 -22.71 -0.60 35.59
CA ASN A 62 -21.30 -0.27 35.39
C ASN A 62 -20.76 -1.02 34.18
N VAL A 63 -19.81 -0.38 33.49
CA VAL A 63 -18.96 -1.02 32.49
C VAL A 63 -17.51 -0.90 32.96
N TYR A 64 -16.75 -1.97 32.83
CA TYR A 64 -15.36 -2.00 33.27
C TYR A 64 -14.41 -2.12 32.08
N ALA A 65 -13.33 -1.32 32.10
CA ALA A 65 -12.31 -1.30 31.05
C ALA A 65 -11.00 -1.80 31.67
N ASP A 66 -10.65 -3.05 31.40
CA ASP A 66 -9.37 -3.61 31.82
C ASP A 66 -8.35 -3.45 30.71
N SER A 67 -7.12 -3.09 31.07
CA SER A 67 -6.15 -2.76 30.02
C SER A 67 -4.76 -3.16 30.48
N PHE A 68 -3.88 -3.41 29.50
CA PHE A 68 -2.54 -3.95 29.73
C PHE A 68 -1.86 -4.19 28.39
N VAL A 69 -0.62 -4.67 28.41
CA VAL A 69 0.16 -4.88 27.20
C VAL A 69 0.68 -6.31 27.20
N ILE A 70 0.51 -7.00 26.07
CA ILE A 70 1.06 -8.33 25.84
C ILE A 70 1.61 -8.38 24.41
N ARG A 71 2.16 -9.52 24.02
CA ARG A 71 2.64 -9.70 22.65
C ARG A 71 1.46 -9.94 21.71
N GLY A 72 1.64 -9.50 20.46
CA GLY A 72 0.63 -9.72 19.42
C GLY A 72 0.14 -11.15 19.36
N ASP A 73 1.05 -12.10 19.41
CA ASP A 73 0.65 -13.51 19.37
C ASP A 73 -0.06 -13.96 20.63
N GLU A 74 -0.12 -13.15 21.68
CA GLU A 74 -0.79 -13.54 22.91
C GLU A 74 -2.23 -13.04 23.00
N VAL A 75 -2.64 -12.11 22.13
CA VAL A 75 -4.00 -11.57 22.14
C VAL A 75 -5.05 -12.67 21.98
N ARG A 76 -4.76 -13.71 21.20
CA ARG A 76 -5.74 -14.80 21.06
C ARG A 76 -6.04 -15.48 22.40
N GLN A 77 -5.17 -15.33 23.40
CA GLN A 77 -5.41 -15.89 24.72
C GLN A 77 -6.46 -15.07 25.49
N ILE A 78 -6.69 -13.81 25.11
CA ILE A 78 -7.65 -12.95 25.79
C ILE A 78 -9.01 -13.24 25.17
N ALA A 79 -9.50 -14.45 25.41
CA ALA A 79 -10.79 -14.88 24.90
C ALA A 79 -11.29 -15.98 25.81
N PRO A 80 -12.60 -16.19 25.90
CA PRO A 80 -13.11 -17.26 26.76
C PRO A 80 -12.58 -18.61 26.32
N GLY A 81 -12.22 -19.43 27.32
CA GLY A 81 -11.88 -20.81 27.09
C GLY A 81 -10.49 -21.09 26.56
N GLN A 82 -9.58 -20.12 26.65
CA GLN A 82 -8.22 -20.29 26.18
C GLN A 82 -7.31 -20.69 27.34
N THR A 83 -6.08 -21.09 27.00
CA THR A 83 -5.02 -21.38 27.96
C THR A 83 -3.70 -20.86 27.39
N GLY A 84 -2.62 -21.11 28.14
CA GLY A 84 -1.32 -20.52 27.88
C GLY A 84 -0.93 -19.56 28.99
N LYS A 85 0.35 -19.16 28.97
CA LYS A 85 0.92 -18.42 30.10
C LYS A 85 0.07 -17.21 30.47
N ILE A 86 -0.54 -16.53 29.48
CA ILE A 86 -1.22 -15.27 29.78
C ILE A 86 -2.60 -15.52 30.38
N ALA A 87 -3.41 -16.37 29.74
CA ALA A 87 -4.68 -16.78 30.35
C ALA A 87 -4.46 -17.53 31.67
N ASP A 88 -3.37 -18.32 31.79
CA ASP A 88 -3.22 -19.14 32.98
C ASP A 88 -2.68 -18.33 34.17
N TYR A 89 -1.74 -17.42 33.94
CA TYR A 89 -1.02 -16.81 35.04
C TYR A 89 -1.14 -15.30 35.16
N ASN A 90 -1.77 -14.63 34.18
CA ASN A 90 -1.75 -13.16 34.16
C ASN A 90 -3.14 -12.53 34.10
N TYR A 91 -3.98 -12.96 33.15
CA TYR A 91 -5.32 -12.39 32.98
C TYR A 91 -6.22 -13.46 32.40
N LYS A 92 -7.34 -13.71 33.07
CA LYS A 92 -8.18 -14.84 32.71
C LYS A 92 -9.60 -14.36 32.49
N LEU A 93 -10.21 -14.76 31.30
CA LEU A 93 -11.61 -14.42 31.10
C LEU A 93 -12.49 -15.63 31.41
N PRO A 94 -13.72 -15.43 31.90
CA PRO A 94 -14.59 -16.58 32.18
C PRO A 94 -15.15 -17.19 30.90
N ASP A 95 -15.41 -18.50 30.94
CA ASP A 95 -15.99 -19.17 29.78
C ASP A 95 -17.22 -18.44 29.27
N ASP A 96 -18.06 -17.93 30.17
CA ASP A 96 -19.32 -17.30 29.81
C ASP A 96 -19.19 -15.82 29.49
N PHE A 97 -17.99 -15.36 29.15
CA PHE A 97 -17.78 -13.93 28.96
C PHE A 97 -18.63 -13.41 27.81
N THR A 98 -19.22 -12.23 27.98
CA THR A 98 -20.02 -11.62 26.93
C THR A 98 -19.65 -10.16 26.64
N GLY A 99 -18.49 -9.68 27.10
CA GLY A 99 -18.04 -8.34 26.76
C GLY A 99 -17.24 -8.30 25.46
N CYS A 100 -16.38 -7.29 25.34
CA CYS A 100 -15.58 -7.09 24.13
C CYS A 100 -14.09 -7.06 24.46
N VAL A 101 -13.29 -7.54 23.50
CA VAL A 101 -11.83 -7.49 23.58
C VAL A 101 -11.32 -6.71 22.38
N ILE A 102 -10.58 -5.65 22.66
CA ILE A 102 -10.03 -4.73 21.66
C ILE A 102 -8.52 -4.72 21.80
N ALA A 103 -7.80 -4.70 20.68
CA ALA A 103 -6.34 -4.69 20.72
C ALA A 103 -5.78 -4.01 19.48
N TRP A 104 -4.61 -3.43 19.64
CA TRP A 104 -3.94 -2.74 18.55
C TRP A 104 -2.43 -2.75 18.80
N ASN A 105 -1.67 -2.68 17.70
CA ASN A 105 -0.22 -2.67 17.78
C ASN A 105 0.29 -1.36 18.37
N SER A 106 1.18 -1.47 19.37
CA SER A 106 1.74 -0.32 20.08
C SER A 106 3.28 -0.31 20.04
N ASN A 107 3.84 -0.92 18.99
CA ASN A 107 5.28 -0.90 18.79
C ASN A 107 5.84 0.52 18.89
N ASN A 108 5.19 1.47 18.22
CA ASN A 108 5.65 2.85 18.24
C ASN A 108 5.73 3.46 19.65
N LEU A 109 4.95 2.97 20.61
CA LEU A 109 4.90 3.60 21.93
C LEU A 109 5.54 2.79 23.04
N ASP A 110 5.49 1.46 22.99
CA ASP A 110 5.97 0.61 24.07
C ASP A 110 7.28 -0.12 23.80
N SER A 111 7.87 0.00 22.61
CA SER A 111 9.19 -0.58 22.33
C SER A 111 10.23 0.52 22.39
N LYS A 112 11.44 0.16 22.86
CA LYS A 112 12.59 1.06 22.92
C LYS A 112 13.83 0.36 22.38
N VAL A 113 14.73 1.15 21.81
CA VAL A 113 16.00 0.55 21.39
C VAL A 113 16.68 -0.02 22.63
N GLY A 114 17.18 -1.25 22.52
CA GLY A 114 17.75 -1.92 23.67
C GLY A 114 16.74 -2.53 24.62
N GLY A 115 15.45 -2.46 24.29
CA GLY A 115 14.43 -3.20 25.02
C GLY A 115 13.66 -2.42 26.05
N ASN A 116 12.33 -2.39 25.95
CA ASN A 116 11.53 -1.85 27.05
C ASN A 116 11.35 -2.97 28.07
N TYR A 117 12.07 -2.88 29.18
CA TYR A 117 12.03 -3.91 30.21
C TYR A 117 10.99 -3.61 31.30
N ASN A 118 10.22 -2.54 31.17
CA ASN A 118 9.23 -2.16 32.19
C ASN A 118 7.91 -2.95 32.08
N TYR A 119 7.62 -3.55 30.94
CA TYR A 119 6.44 -4.40 30.81
C TYR A 119 6.81 -5.84 31.17
N LEU A 120 6.07 -6.42 32.12
CA LEU A 120 6.36 -7.77 32.62
C LEU A 120 5.14 -8.69 32.48
N TYR A 121 5.40 -9.99 32.64
CA TYR A 121 4.34 -10.97 32.77
C TYR A 121 4.76 -12.00 33.82
N ARG A 122 3.76 -12.69 34.38
CA ARG A 122 4.04 -13.77 35.33
C ARG A 122 4.31 -15.04 34.53
N LEU A 123 5.46 -15.66 34.78
CA LEU A 123 5.92 -16.87 34.09
C LEU A 123 5.66 -18.13 34.89
N PHE A 124 5.77 -18.05 36.21
CA PHE A 124 5.57 -19.19 37.09
C PHE A 124 4.49 -18.88 38.12
N ARG A 125 3.64 -19.86 38.37
CA ARG A 125 2.60 -19.76 39.39
C ARG A 125 2.17 -21.17 39.79
N LYS A 126 1.83 -21.35 41.06
CA LYS A 126 1.47 -22.68 41.55
C LYS A 126 0.16 -23.16 40.95
N SER A 127 -0.79 -22.25 40.71
CA SER A 127 -2.08 -22.61 40.15
C SER A 127 -2.53 -21.53 39.19
N ASN A 128 -3.60 -21.85 38.45
CA ASN A 128 -4.18 -20.95 37.47
C ASN A 128 -5.00 -19.85 38.15
N LEU A 129 -5.01 -18.67 37.52
CA LEU A 129 -5.90 -17.62 37.98
C LEU A 129 -7.35 -18.00 37.77
N LYS A 130 -8.22 -17.48 38.65
CA LYS A 130 -9.67 -17.50 38.43
C LYS A 130 -10.07 -16.28 37.59
N PRO A 131 -11.23 -16.33 36.94
CA PRO A 131 -11.62 -15.22 36.06
C PRO A 131 -11.55 -13.87 36.77
N PHE A 132 -10.80 -12.94 36.16
CA PHE A 132 -10.64 -11.57 36.63
C PHE A 132 -9.85 -11.48 37.92
N GLU A 133 -9.13 -12.53 38.32
CA GLU A 133 -8.16 -12.42 39.39
C GLU A 133 -6.96 -11.57 38.96
N ARG A 134 -6.34 -10.90 39.93
CA ARG A 134 -5.19 -10.04 39.67
C ARG A 134 -4.15 -10.26 40.76
N ASP A 135 -2.99 -10.79 40.38
CA ASP A 135 -1.98 -11.30 41.30
C ASP A 135 -0.71 -10.49 41.07
N ILE A 136 -0.42 -9.56 41.97
CA ILE A 136 0.79 -8.77 41.93
C ILE A 136 1.80 -9.27 42.97
N SER A 137 1.64 -10.50 43.44
CA SER A 137 2.56 -11.13 44.36
C SER A 137 3.93 -11.30 43.72
N THR A 138 4.98 -11.22 44.55
CA THR A 138 6.34 -11.22 44.04
C THR A 138 7.21 -12.27 44.76
N GLU A 139 6.58 -13.33 45.29
CA GLU A 139 7.32 -14.31 46.07
C GLU A 139 8.04 -15.32 45.18
N ILE A 140 9.25 -15.72 45.61
CA ILE A 140 10.09 -16.63 44.84
C ILE A 140 9.38 -17.97 44.63
N TYR A 141 9.36 -18.45 43.38
CA TYR A 141 8.69 -19.69 43.01
C TYR A 141 9.63 -20.87 43.20
N GLN A 142 9.11 -21.95 43.80
CA GLN A 142 9.90 -23.15 44.11
C GLN A 142 9.66 -24.21 43.03
N ALA A 143 10.67 -24.47 42.21
CA ALA A 143 10.52 -25.42 41.11
C ALA A 143 10.87 -26.85 41.48
N GLY A 144 11.55 -27.06 42.60
CA GLY A 144 12.00 -28.38 43.01
C GLY A 144 11.54 -28.71 44.42
N SER A 145 12.30 -29.60 45.05
CA SER A 145 12.00 -30.03 46.41
C SER A 145 12.64 -29.13 47.46
N THR A 146 13.73 -28.46 47.11
CA THR A 146 14.41 -27.59 48.05
C THR A 146 13.53 -26.40 48.42
N PRO A 147 13.43 -26.05 49.70
CA PRO A 147 12.79 -24.77 50.06
C PRO A 147 13.64 -23.60 49.59
N CYS A 148 12.99 -22.46 49.45
CA CYS A 148 13.60 -21.29 48.85
C CYS A 148 13.84 -20.16 49.85
N ASN A 149 12.88 -19.95 50.76
CA ASN A 149 13.00 -18.95 51.82
C ASN A 149 13.21 -17.55 51.28
N GLY A 150 12.78 -17.27 50.05
CA GLY A 150 12.82 -15.94 49.51
C GLY A 150 14.09 -15.56 48.77
N VAL A 151 15.01 -16.49 48.54
CA VAL A 151 16.24 -16.25 47.78
C VAL A 151 16.17 -17.01 46.46
N GLU A 152 16.48 -16.32 45.36
CA GLU A 152 16.61 -16.98 44.06
C GLU A 152 17.80 -17.93 44.04
N GLY A 153 17.69 -18.96 43.22
CA GLY A 153 18.77 -19.91 43.07
C GLY A 153 18.32 -21.09 42.24
N PHE A 154 18.97 -22.23 42.47
CA PHE A 154 18.58 -23.44 41.78
C PHE A 154 17.13 -23.78 42.11
N ASN A 155 16.29 -23.84 41.06
CA ASN A 155 14.88 -24.21 41.20
C ASN A 155 14.10 -23.23 42.06
N CYS A 156 14.58 -21.98 42.16
CA CYS A 156 13.92 -20.93 42.95
C CYS A 156 13.94 -19.67 42.09
N TYR A 157 12.81 -19.36 41.47
CA TYR A 157 12.75 -18.36 40.42
C TYR A 157 11.93 -17.15 40.85
N PHE A 158 12.37 -15.97 40.41
CA PHE A 158 11.53 -14.79 40.48
C PHE A 158 10.37 -14.96 39.51
N PRO A 159 9.11 -14.76 39.94
CA PRO A 159 7.97 -15.19 39.11
C PRO A 159 7.65 -14.30 37.91
N LEU A 160 8.10 -13.04 37.91
CA LEU A 160 7.85 -12.09 36.84
C LEU A 160 8.99 -12.07 35.82
N GLN A 161 8.64 -12.04 34.54
CA GLN A 161 9.61 -12.01 33.45
C GLN A 161 9.39 -10.77 32.59
N SER A 162 10.47 -10.10 32.21
CA SER A 162 10.32 -8.91 31.39
C SER A 162 10.16 -9.30 29.92
N TYR A 163 9.29 -8.55 29.23
CA TYR A 163 9.08 -8.75 27.79
C TYR A 163 10.23 -8.21 26.94
N GLY A 164 10.90 -7.14 27.38
CA GLY A 164 11.99 -6.52 26.66
C GLY A 164 11.64 -6.14 25.23
N PHE A 165 10.49 -5.49 25.05
CA PHE A 165 10.02 -5.13 23.72
C PHE A 165 11.02 -4.25 22.99
N GLN A 166 11.36 -4.66 21.77
CA GLN A 166 12.26 -3.92 20.89
C GLN A 166 11.60 -3.60 19.56
N PRO A 167 11.87 -2.42 19.00
CA PRO A 167 11.14 -2.02 17.78
C PRO A 167 11.32 -2.97 16.61
N THR A 168 12.39 -3.77 16.61
CA THR A 168 12.77 -4.64 15.51
C THR A 168 12.32 -6.09 15.72
N ASN A 169 11.54 -6.37 16.77
CA ASN A 169 10.92 -7.68 16.88
C ASN A 169 10.00 -7.92 15.68
N GLY A 170 9.79 -9.19 15.35
CA GLY A 170 8.76 -9.54 14.38
C GLY A 170 7.38 -9.19 14.91
N VAL A 171 6.41 -9.07 14.00
CA VAL A 171 5.10 -8.50 14.36
C VAL A 171 4.42 -9.34 15.45
N GLY A 172 4.58 -10.67 15.40
CA GLY A 172 3.96 -11.53 16.38
C GLY A 172 4.48 -11.32 17.79
N TYR A 173 5.63 -10.67 17.92
CA TYR A 173 6.28 -10.45 19.21
C TYR A 173 6.22 -9.02 19.67
N GLN A 174 5.69 -8.10 18.86
CA GLN A 174 5.67 -6.69 19.22
C GLN A 174 4.61 -6.43 20.29
N PRO A 175 4.72 -5.33 21.03
CA PRO A 175 3.70 -5.03 22.07
C PRO A 175 2.36 -4.69 21.47
N TYR A 176 1.29 -5.21 22.10
CA TYR A 176 -0.08 -4.88 21.75
C TYR A 176 -0.78 -4.36 23.01
N ARG A 177 -1.31 -3.14 22.93
CA ARG A 177 -2.23 -2.66 23.93
C ARG A 177 -3.56 -3.37 23.79
N VAL A 178 -4.20 -3.69 24.93
CA VAL A 178 -5.43 -4.46 24.97
C VAL A 178 -6.42 -3.77 25.89
N VAL A 179 -7.69 -3.67 25.48
CA VAL A 179 -8.76 -3.24 26.38
C VAL A 179 -9.85 -4.29 26.37
N VAL A 180 -10.28 -4.71 27.55
CA VAL A 180 -11.38 -5.64 27.72
C VAL A 180 -12.54 -4.90 28.35
N LEU A 181 -13.68 -4.92 27.67
CA LEU A 181 -14.90 -4.33 28.18
C LEU A 181 -15.76 -5.41 28.81
N SER A 182 -16.20 -5.18 30.05
CA SER A 182 -17.16 -6.04 30.72
C SER A 182 -18.34 -5.18 31.18
N PHE A 183 -19.53 -5.79 31.17
CA PHE A 183 -20.78 -5.07 31.37
C PHE A 183 -21.50 -5.65 32.57
N GLU A 184 -21.78 -4.79 33.57
CA GLU A 184 -22.37 -5.22 34.83
C GLU A 184 -23.75 -4.59 34.99
N LEU A 185 -24.76 -5.43 35.21
CA LEU A 185 -26.12 -4.99 35.49
C LEU A 185 -26.53 -5.45 36.89
N LEU A 186 -26.83 -4.51 37.77
CA LEU A 186 -27.25 -4.79 39.14
C LEU A 186 -28.71 -4.36 39.36
N HIS A 187 -29.26 -4.79 40.49
CA HIS A 187 -30.53 -4.26 41.03
C HIS A 187 -30.26 -2.86 41.57
N ALA A 188 -30.17 -1.90 40.65
CA ALA A 188 -29.79 -0.52 40.93
C ALA A 188 -30.01 0.28 39.65
N PRO A 189 -29.91 1.61 39.67
CA PRO A 189 -30.10 2.37 38.42
C PRO A 189 -29.04 2.03 37.39
N ALA A 190 -29.47 1.89 36.12
CA ALA A 190 -28.58 1.57 35.01
C ALA A 190 -28.26 2.86 34.27
N THR A 191 -27.05 3.38 34.47
CA THR A 191 -26.72 4.76 34.11
C THR A 191 -25.78 4.94 32.92
N VAL A 192 -25.17 3.87 32.40
CA VAL A 192 -24.38 3.94 31.17
C VAL A 192 -25.23 3.41 30.02
N CYS A 193 -25.57 4.28 29.06
CA CYS A 193 -26.42 3.94 27.93
C CYS A 193 -25.94 4.60 26.64
N GLY A 194 -26.21 3.95 25.51
CA GLY A 194 -26.08 4.57 24.22
C GLY A 194 -27.04 5.73 24.07
N PRO A 195 -26.82 6.60 23.08
CA PRO A 195 -27.66 7.80 22.90
C PRO A 195 -29.04 7.49 22.33
N GLU B 1 16.79 -24.63 -3.15
CA GLU B 1 16.59 -23.20 -3.36
C GLU B 1 15.20 -22.80 -2.81
N VAL B 2 15.11 -21.59 -2.25
CA VAL B 2 13.84 -21.10 -1.75
C VAL B 2 12.92 -20.77 -2.92
N GLN B 3 11.65 -21.20 -2.86
CA GLN B 3 10.70 -20.86 -3.91
C GLN B 3 9.35 -20.53 -3.29
N LEU B 4 8.69 -19.53 -3.85
CA LEU B 4 7.33 -19.14 -3.49
C LEU B 4 6.54 -19.16 -4.76
N ALA B 5 5.51 -20.01 -4.83
CA ALA B 5 4.78 -20.30 -6.05
C ALA B 5 3.34 -19.83 -5.85
N GLU B 6 2.96 -18.77 -6.58
CA GLU B 6 1.67 -18.14 -6.39
C GLU B 6 0.68 -18.63 -7.43
N SER B 7 -0.60 -18.52 -7.08
CA SER B 7 -1.66 -18.90 -7.99
C SER B 7 -2.92 -18.19 -7.53
N GLY B 8 -3.97 -18.29 -8.33
CA GLY B 8 -5.26 -17.80 -7.94
C GLY B 8 -5.68 -16.41 -8.40
N GLY B 9 -5.00 -15.80 -9.35
CA GLY B 9 -5.38 -14.47 -9.78
C GLY B 9 -6.66 -14.42 -10.60
N GLY B 10 -6.79 -13.37 -11.40
CA GLY B 10 -7.74 -13.42 -12.49
C GLY B 10 -8.62 -12.19 -12.56
N LEU B 11 -9.70 -12.33 -13.33
CA LEU B 11 -10.61 -11.24 -13.65
C LEU B 11 -11.90 -11.45 -12.87
N VAL B 12 -12.35 -10.39 -12.22
CA VAL B 12 -13.52 -10.42 -11.36
C VAL B 12 -14.22 -9.07 -11.50
N LYS B 13 -15.58 -9.09 -11.33
CA LYS B 13 -16.34 -7.85 -11.36
C LYS B 13 -16.23 -7.12 -10.03
N PRO B 14 -16.31 -5.79 -10.03
CA PRO B 14 -16.32 -5.05 -8.78
C PRO B 14 -17.38 -5.60 -7.83
N GLY B 15 -17.04 -5.67 -6.56
CA GLY B 15 -17.88 -6.32 -5.58
C GLY B 15 -17.56 -7.78 -5.36
N GLY B 16 -16.87 -8.42 -6.31
CA GLY B 16 -16.62 -9.85 -6.23
C GLY B 16 -15.44 -10.21 -5.32
N SER B 17 -15.09 -11.49 -5.38
CA SER B 17 -14.09 -12.11 -4.49
C SER B 17 -13.07 -12.95 -5.25
N LEU B 18 -11.87 -13.04 -4.69
CA LEU B 18 -10.84 -13.96 -5.18
C LEU B 18 -10.02 -14.44 -3.98
N ARG B 19 -9.37 -15.60 -4.13
CA ARG B 19 -8.49 -16.14 -3.09
C ARG B 19 -7.13 -16.42 -3.70
N LEU B 20 -6.11 -15.72 -3.22
CA LEU B 20 -4.77 -15.92 -3.72
C LEU B 20 -4.06 -16.94 -2.85
N SER B 21 -3.14 -17.71 -3.45
CA SER B 21 -2.39 -18.67 -2.66
C SER B 21 -0.91 -18.59 -3.02
N CYS B 22 -0.08 -18.98 -2.05
CA CYS B 22 1.36 -18.89 -2.20
C CYS B 22 1.93 -20.12 -1.51
N VAL B 23 2.54 -21.03 -2.26
CA VAL B 23 3.04 -22.28 -1.70
C VAL B 23 4.58 -22.20 -1.62
N ALA B 24 5.10 -22.40 -0.43
CA ALA B 24 6.53 -22.25 -0.13
C ALA B 24 7.25 -23.59 -0.19
N SER B 25 8.52 -23.54 -0.61
CA SER B 25 9.33 -24.74 -0.65
C SER B 25 10.79 -24.33 -0.44
N GLY B 26 11.55 -25.19 0.23
CA GLY B 26 12.98 -25.02 0.33
C GLY B 26 13.44 -24.28 1.57
N PHE B 27 12.57 -24.11 2.56
CA PHE B 27 12.89 -23.46 3.81
C PHE B 27 11.83 -23.82 4.84
N THR B 28 12.15 -23.59 6.11
CA THR B 28 11.19 -23.93 7.17
C THR B 28 10.13 -22.84 7.25
N PHE B 29 9.00 -23.11 6.60
CA PHE B 29 7.89 -22.16 6.49
C PHE B 29 7.46 -21.62 7.85
N SER B 30 7.28 -22.49 8.84
CA SER B 30 6.80 -22.01 10.14
C SER B 30 7.77 -21.14 10.89
N SER B 31 8.98 -20.84 10.36
CA SER B 31 9.90 -19.90 11.01
C SER B 31 9.90 -18.55 10.34
N ASN B 32 8.93 -18.30 9.46
CA ASN B 32 8.87 -17.11 8.64
C ASN B 32 7.54 -16.39 8.79
N GLU B 33 7.64 -15.09 9.06
CA GLU B 33 6.57 -14.14 8.84
C GLU B 33 6.40 -13.94 7.34
N MET B 34 5.14 -13.96 6.87
CA MET B 34 4.86 -13.87 5.45
C MET B 34 4.05 -12.60 5.16
N HIS B 35 4.33 -11.98 4.02
CA HIS B 35 3.66 -10.74 3.65
C HIS B 35 3.11 -10.84 2.24
N TRP B 36 2.08 -10.04 1.97
CA TRP B 36 1.60 -9.72 0.62
C TRP B 36 1.91 -8.26 0.31
N VAL B 37 2.41 -8.02 -0.89
CA VAL B 37 2.74 -6.70 -1.40
C VAL B 37 2.16 -6.63 -2.80
N ARG B 38 1.61 -5.47 -3.18
CA ARG B 38 1.00 -5.37 -4.51
C ARG B 38 1.50 -4.16 -5.24
N GLN B 39 1.28 -4.18 -6.55
CA GLN B 39 1.79 -3.14 -7.43
C GLN B 39 0.76 -2.92 -8.53
N ALA B 40 0.14 -1.74 -8.51
CA ALA B 40 -0.81 -1.35 -9.54
C ALA B 40 -0.03 -0.94 -10.78
N PRO B 41 -0.62 -1.08 -11.97
CA PRO B 41 0.16 -0.88 -13.19
C PRO B 41 0.79 0.50 -13.25
N GLY B 42 2.08 0.53 -13.57
CA GLY B 42 2.84 1.76 -13.61
C GLY B 42 3.16 2.40 -12.28
N LYS B 43 2.88 1.75 -11.15
CA LYS B 43 3.00 2.38 -9.83
C LYS B 43 4.00 1.62 -8.95
N GLY B 44 4.13 2.08 -7.72
CA GLY B 44 5.12 1.54 -6.80
C GLY B 44 4.64 0.29 -6.09
N LEU B 45 5.54 -0.28 -5.31
CA LEU B 45 5.22 -1.36 -4.39
C LEU B 45 4.42 -0.82 -3.19
N GLU B 46 3.30 -1.48 -2.89
CA GLU B 46 2.43 -1.12 -1.78
C GLU B 46 2.30 -2.35 -0.90
N TRP B 47 2.82 -2.26 0.33
CA TRP B 47 2.59 -3.31 1.33
C TRP B 47 1.09 -3.41 1.65
N VAL B 48 0.61 -4.66 1.82
CA VAL B 48 -0.81 -4.98 1.98
C VAL B 48 -1.10 -5.62 3.33
N SER B 49 -0.32 -6.63 3.72
CA SER B 49 -0.71 -7.45 4.85
C SER B 49 0.46 -8.28 5.33
N VAL B 50 0.40 -8.67 6.61
CA VAL B 50 1.40 -9.51 7.25
C VAL B 50 0.69 -10.50 8.15
N ILE B 51 1.27 -11.71 8.25
CA ILE B 51 0.86 -12.73 9.22
C ILE B 51 2.12 -13.24 9.92
N SER B 52 2.03 -13.41 11.24
CA SER B 52 3.17 -13.91 12.00
C SER B 52 3.37 -15.40 11.73
N GLU B 53 4.54 -15.93 12.16
CA GLU B 53 4.87 -17.34 11.88
C GLU B 53 3.78 -18.29 12.34
N SER B 54 3.32 -18.11 13.58
CA SER B 54 2.26 -18.96 14.15
C SER B 54 0.90 -18.74 13.51
N GLY B 55 0.70 -17.61 12.85
CA GLY B 55 -0.60 -17.28 12.32
C GLY B 55 -1.45 -16.46 13.26
N PHE B 56 -0.97 -16.20 14.48
CA PHE B 56 -1.81 -15.57 15.50
C PHE B 56 -1.92 -14.07 15.36
N THR B 57 -0.98 -13.42 14.67
CA THR B 57 -1.00 -11.96 14.52
C THR B 57 -1.12 -11.62 13.05
N THR B 58 -2.07 -10.75 12.72
CA THR B 58 -2.25 -10.29 11.35
C THR B 58 -2.50 -8.79 11.37
N GLU B 59 -1.95 -8.09 10.38
CA GLU B 59 -2.12 -6.66 10.21
C GLU B 59 -2.39 -6.36 8.75
N TYR B 60 -3.04 -5.22 8.49
CA TYR B 60 -3.48 -4.92 7.15
C TYR B 60 -3.24 -3.44 6.84
N ALA B 61 -2.97 -3.15 5.57
CA ALA B 61 -2.94 -1.75 5.15
C ALA B 61 -4.35 -1.17 5.30
N ASP B 62 -4.45 0.14 5.46
CA ASP B 62 -5.76 0.78 5.57
C ASP B 62 -6.58 0.55 4.31
N SER B 63 -5.93 0.54 3.15
CA SER B 63 -6.61 0.41 1.87
C SER B 63 -7.38 -0.90 1.73
N VAL B 64 -7.09 -1.90 2.56
CA VAL B 64 -7.70 -3.21 2.38
C VAL B 64 -8.29 -3.73 3.69
N LYS B 65 -8.02 -3.04 4.79
CA LYS B 65 -8.55 -3.48 6.07
C LYS B 65 -10.07 -3.60 6.00
N GLY B 66 -10.59 -4.67 6.57
CA GLY B 66 -12.00 -4.95 6.55
C GLY B 66 -12.44 -5.78 5.37
N ARG B 67 -11.64 -5.84 4.30
CA ARG B 67 -12.06 -6.58 3.13
C ARG B 67 -11.16 -7.77 2.82
N PHE B 68 -9.87 -7.71 3.18
CA PHE B 68 -8.93 -8.80 2.92
C PHE B 68 -8.64 -9.57 4.21
N THR B 69 -8.47 -10.89 4.07
CA THR B 69 -8.04 -11.72 5.19
C THR B 69 -6.81 -12.53 4.79
N ILE B 70 -5.70 -12.34 5.52
CA ILE B 70 -4.48 -13.13 5.34
C ILE B 70 -4.58 -14.33 6.28
N SER B 71 -4.12 -15.48 5.81
CA SER B 71 -4.13 -16.68 6.63
C SER B 71 -3.05 -17.61 6.10
N ARG B 72 -2.67 -18.59 6.91
CA ARG B 72 -1.62 -19.52 6.53
C ARG B 72 -1.95 -20.89 7.07
N ASP B 73 -1.38 -21.91 6.44
CA ASP B 73 -1.51 -23.31 6.84
C ASP B 73 -0.09 -23.89 6.87
N ASN B 74 0.53 -23.90 8.05
CA ASN B 74 1.95 -24.23 8.12
C ASN B 74 2.19 -25.69 7.71
N ALA B 75 1.28 -26.58 8.08
CA ALA B 75 1.47 -27.98 7.74
C ALA B 75 1.40 -28.23 6.23
N LYS B 76 0.87 -27.27 5.46
CA LYS B 76 0.82 -27.37 4.01
C LYS B 76 1.71 -26.32 3.34
N ASN B 77 2.55 -25.64 4.11
CA ASN B 77 3.51 -24.68 3.56
C ASN B 77 2.84 -23.61 2.72
N SER B 78 1.63 -23.18 3.15
CA SER B 78 0.78 -22.35 2.33
C SER B 78 0.39 -21.04 2.98
N LEU B 79 0.41 -19.98 2.18
CA LEU B 79 -0.03 -18.65 2.57
C LEU B 79 -1.20 -18.27 1.68
N PHE B 80 -2.24 -17.64 2.23
CA PHE B 80 -3.41 -17.25 1.43
C PHE B 80 -3.77 -15.79 1.63
N LEU B 81 -4.49 -15.24 0.64
CA LEU B 81 -5.08 -13.92 0.81
C LEU B 81 -6.50 -13.98 0.25
N GLN B 82 -7.47 -13.79 1.14
CA GLN B 82 -8.88 -13.80 0.76
C GLN B 82 -9.31 -12.36 0.48
N MET B 83 -9.76 -12.10 -0.75
CA MET B 83 -10.06 -10.74 -1.16
C MET B 83 -11.56 -10.64 -1.46
N ASN B 84 -12.29 -9.89 -0.62
CA ASN B 84 -13.72 -9.65 -0.78
C ASN B 84 -14.01 -8.18 -1.10
N SER B 85 -15.23 -7.91 -1.58
CA SER B 85 -15.66 -6.54 -1.90
C SER B 85 -14.62 -5.79 -2.71
N LEU B 86 -14.17 -6.42 -3.79
CA LEU B 86 -13.06 -5.86 -4.57
C LEU B 86 -13.51 -4.63 -5.33
N ARG B 87 -12.58 -3.69 -5.47
CA ARG B 87 -12.82 -2.45 -6.17
C ARG B 87 -11.78 -2.24 -7.25
N ALA B 88 -12.17 -1.42 -8.23
CA ALA B 88 -11.27 -1.11 -9.34
C ALA B 88 -9.83 -0.92 -8.86
N GLU B 89 -9.63 -0.11 -7.80
CA GLU B 89 -8.29 0.25 -7.34
C GLU B 89 -7.52 -0.90 -6.67
N ASP B 90 -8.11 -2.09 -6.55
CA ASP B 90 -7.34 -3.26 -6.13
C ASP B 90 -6.71 -3.99 -7.30
N THR B 91 -6.99 -3.57 -8.53
CA THR B 91 -6.33 -4.08 -9.72
C THR B 91 -4.82 -3.89 -9.57
N ALA B 92 -4.09 -4.99 -9.60
CA ALA B 92 -2.64 -4.95 -9.37
C ALA B 92 -2.09 -6.35 -9.55
N VAL B 93 -0.76 -6.43 -9.55
CA VAL B 93 -0.04 -7.69 -9.41
C VAL B 93 0.23 -7.89 -7.92
N TYR B 94 -0.07 -9.06 -7.39
CA TYR B 94 0.10 -9.33 -5.97
C TYR B 94 1.26 -10.30 -5.78
N TYR B 95 2.19 -9.98 -4.89
CA TYR B 95 3.37 -10.81 -4.60
C TYR B 95 3.28 -11.29 -3.17
N CYS B 96 3.69 -12.53 -2.91
CA CYS B 96 4.04 -12.93 -1.54
C CYS B 96 5.56 -12.84 -1.35
N THR B 97 5.99 -12.62 -0.11
CA THR B 97 7.43 -12.57 0.21
C THR B 97 7.58 -12.89 1.69
N ARG B 98 8.73 -13.44 2.08
CA ARG B 98 8.95 -13.97 3.41
C ARG B 98 9.85 -13.05 4.23
N VAL B 99 9.72 -13.18 5.56
CA VAL B 99 10.64 -12.54 6.50
C VAL B 99 10.98 -13.58 7.55
N SER B 100 12.21 -14.10 7.50
CA SER B 100 12.64 -15.05 8.50
C SER B 100 12.67 -14.36 9.86
N ILE B 101 12.17 -15.06 10.87
CA ILE B 101 12.22 -14.58 12.25
C ILE B 101 13.18 -15.46 13.04
N PHE B 102 14.21 -14.84 13.58
CA PHE B 102 15.24 -15.57 14.29
C PHE B 102 15.43 -14.94 15.65
N GLY B 103 15.26 -15.74 16.71
CA GLY B 103 15.35 -15.23 18.06
C GLY B 103 14.36 -14.13 18.35
N GLN B 104 13.21 -14.15 17.70
CA GLN B 104 12.09 -13.19 17.78
C GLN B 104 12.38 -11.92 16.99
N PHE B 105 13.57 -11.79 16.36
CA PHE B 105 13.93 -10.58 15.63
C PHE B 105 13.74 -10.76 14.13
N ILE B 106 13.40 -9.65 13.47
CA ILE B 106 13.40 -9.57 12.02
C ILE B 106 14.85 -9.72 11.54
N VAL B 107 15.06 -10.58 10.54
CA VAL B 107 16.43 -10.73 10.01
C VAL B 107 16.74 -9.58 9.05
N ALA B 108 18.02 -9.32 8.86
CA ALA B 108 18.45 -8.21 8.01
C ALA B 108 18.07 -8.46 6.57
N THR B 109 18.02 -9.73 6.17
CA THR B 109 17.73 -10.16 4.81
C THR B 109 16.22 -10.35 4.59
N TYR B 110 15.39 -9.47 5.14
CA TYR B 110 13.95 -9.60 4.93
C TYR B 110 13.58 -9.36 3.46
N PHE B 111 12.45 -9.96 3.03
CA PHE B 111 12.02 -10.00 1.63
C PHE B 111 13.13 -10.49 0.70
N ASP B 112 13.95 -11.45 1.15
CA ASP B 112 15.02 -11.93 0.26
C ASP B 112 14.50 -12.78 -0.89
N TYR B 113 13.27 -13.32 -0.81
CA TYR B 113 12.66 -14.11 -1.88
C TYR B 113 11.21 -13.69 -2.03
N TRP B 114 10.74 -13.61 -3.27
CA TRP B 114 9.39 -13.16 -3.64
C TRP B 114 8.75 -14.20 -4.56
N GLY B 115 7.43 -14.33 -4.48
CA GLY B 115 6.72 -15.08 -5.51
C GLY B 115 6.80 -14.41 -6.85
N GLN B 116 6.30 -15.10 -7.87
CA GLN B 116 6.40 -14.57 -9.22
C GLN B 116 5.36 -13.50 -9.51
N GLY B 117 4.34 -13.40 -8.67
CA GLY B 117 3.35 -12.35 -8.84
C GLY B 117 2.15 -12.82 -9.65
N VAL B 118 0.93 -12.51 -9.21
CA VAL B 118 -0.28 -12.84 -9.96
C VAL B 118 -1.11 -11.58 -10.17
N LEU B 119 -1.65 -11.44 -11.38
CA LEU B 119 -2.42 -10.28 -11.78
C LEU B 119 -3.85 -10.46 -11.28
N VAL B 120 -4.38 -9.43 -10.63
CA VAL B 120 -5.78 -9.35 -10.20
C VAL B 120 -6.42 -8.17 -10.94
N THR B 121 -7.46 -8.44 -11.75
CA THR B 121 -8.12 -7.38 -12.50
C THR B 121 -9.57 -7.27 -12.06
N VAL B 122 -9.95 -6.09 -11.55
CA VAL B 122 -11.30 -5.83 -11.05
C VAL B 122 -11.96 -4.86 -12.02
N SER B 123 -12.89 -5.36 -12.83
CA SER B 123 -13.48 -4.60 -13.94
C SER B 123 -14.79 -5.25 -14.37
N SER B 124 -15.72 -4.42 -14.84
CA SER B 124 -16.90 -4.92 -15.55
C SER B 124 -16.99 -4.42 -16.99
N ALA B 125 -15.88 -3.94 -17.55
CA ALA B 125 -15.86 -3.57 -18.97
C ALA B 125 -16.36 -4.71 -19.85
N SER B 126 -17.22 -4.40 -20.82
CA SER B 126 -17.58 -5.33 -21.88
C SER B 126 -17.32 -4.70 -23.24
N THR B 127 -17.22 -5.54 -24.26
CA THR B 127 -16.98 -5.11 -25.62
C THR B 127 -17.76 -3.84 -25.92
N LYS B 128 -17.04 -2.79 -26.32
CA LYS B 128 -17.64 -1.50 -26.60
C LYS B 128 -16.76 -0.78 -27.61
N GLY B 129 -17.38 -0.36 -28.72
CA GLY B 129 -16.76 0.51 -29.70
C GLY B 129 -16.51 1.89 -29.12
N PRO B 130 -15.55 2.65 -29.66
CA PRO B 130 -15.24 3.98 -29.12
C PRO B 130 -16.15 5.09 -29.60
N SER B 131 -16.28 6.13 -28.77
CA SER B 131 -16.78 7.44 -29.19
C SER B 131 -15.60 8.26 -29.68
N VAL B 132 -15.67 8.74 -30.92
CA VAL B 132 -14.57 9.45 -31.56
C VAL B 132 -14.96 10.92 -31.63
N PHE B 133 -14.04 11.79 -31.22
CA PHE B 133 -14.20 13.22 -31.26
C PHE B 133 -13.03 13.88 -31.98
N PRO B 134 -13.32 14.89 -32.78
CA PRO B 134 -12.23 15.61 -33.44
C PRO B 134 -11.55 16.55 -32.45
N LEU B 135 -10.26 16.69 -32.64
CA LEU B 135 -9.38 17.58 -31.88
C LEU B 135 -8.88 18.64 -32.87
N ALA B 136 -9.51 19.82 -32.83
CA ALA B 136 -9.34 20.81 -33.89
C ALA B 136 -7.98 21.48 -33.78
N PRO B 137 -7.34 21.77 -34.90
CA PRO B 137 -6.11 22.59 -34.87
C PRO B 137 -6.45 24.06 -34.66
N SER B 138 -5.55 24.73 -33.94
CA SER B 138 -5.75 26.14 -33.60
C SER B 138 -5.92 27.04 -34.81
N GLY B 145 5.74 26.86 -38.96
CA GLY B 145 4.45 27.12 -39.60
C GLY B 145 3.58 25.87 -39.71
N THR B 146 3.47 25.12 -38.61
CA THR B 146 2.69 23.89 -38.59
C THR B 146 1.54 23.98 -37.59
N ALA B 147 0.62 23.01 -37.69
CA ALA B 147 -0.54 22.90 -36.84
C ALA B 147 -0.76 21.43 -36.50
N ALA B 148 -1.24 21.16 -35.28
CA ALA B 148 -1.48 19.82 -34.81
C ALA B 148 -2.99 19.61 -34.78
N LEU B 149 -3.47 18.52 -35.39
CA LEU B 149 -4.88 18.19 -35.26
C LEU B 149 -4.97 16.70 -34.92
N GLY B 150 -6.12 16.24 -34.42
CA GLY B 150 -6.18 14.83 -34.13
C GLY B 150 -7.57 14.32 -33.88
N CYS B 151 -7.65 13.06 -33.42
CA CYS B 151 -8.90 12.58 -32.90
C CYS B 151 -8.71 11.82 -31.60
N LEU B 152 -9.65 12.09 -30.71
CA LEU B 152 -9.82 11.46 -29.43
C LEU B 152 -10.73 10.24 -29.60
N VAL B 153 -10.22 9.09 -29.19
CA VAL B 153 -10.86 7.79 -29.39
C VAL B 153 -11.13 7.24 -28.00
N LYS B 154 -12.36 7.40 -27.52
CA LYS B 154 -12.73 7.27 -26.12
C LYS B 154 -13.50 5.99 -25.83
N ASP B 155 -13.25 5.45 -24.64
CA ASP B 155 -14.14 4.52 -23.96
C ASP B 155 -14.40 3.27 -24.80
N TYR B 156 -13.33 2.63 -25.24
CA TYR B 156 -13.47 1.39 -25.99
C TYR B 156 -12.87 0.23 -25.23
N PHE B 157 -13.27 -0.97 -25.66
CA PHE B 157 -12.84 -2.21 -25.02
C PHE B 157 -13.17 -3.42 -25.89
N PRO B 158 -12.23 -4.36 -26.04
CA PRO B 158 -10.83 -4.23 -25.58
C PRO B 158 -9.85 -3.70 -26.62
N GLU B 159 -8.53 -3.73 -26.33
CA GLU B 159 -7.58 -3.33 -27.35
C GLU B 159 -7.55 -4.36 -28.45
N PRO B 160 -7.07 -4.01 -29.65
CA PRO B 160 -6.58 -2.68 -30.07
C PRO B 160 -7.60 -1.87 -30.87
N VAL B 161 -7.35 -0.59 -31.08
CA VAL B 161 -7.89 0.15 -32.21
C VAL B 161 -6.74 0.48 -33.14
N THR B 162 -7.03 0.59 -34.41
CA THR B 162 -6.08 1.23 -35.32
C THR B 162 -6.67 2.57 -35.74
N VAL B 163 -5.80 3.48 -36.10
CA VAL B 163 -6.17 4.79 -36.62
C VAL B 163 -5.30 5.08 -37.84
N SER B 164 -5.95 5.49 -38.92
CA SER B 164 -5.33 5.96 -40.15
C SER B 164 -5.78 7.41 -40.37
N TRP B 165 -5.12 8.09 -41.30
CA TRP B 165 -5.52 9.43 -41.69
C TRP B 165 -5.65 9.51 -43.21
N ASN B 166 -6.71 10.18 -43.68
CA ASN B 166 -7.01 10.29 -45.10
C ASN B 166 -6.81 8.93 -45.77
N SER B 167 -7.31 7.89 -45.08
CA SER B 167 -7.34 6.52 -45.56
C SER B 167 -5.95 5.97 -45.83
N GLY B 168 -4.96 6.42 -45.08
CA GLY B 168 -3.61 5.93 -45.29
C GLY B 168 -2.78 6.72 -46.27
N ALA B 169 -3.38 7.64 -47.04
CA ALA B 169 -2.58 8.50 -47.91
C ALA B 169 -1.66 9.42 -47.11
N LEU B 170 -1.98 9.65 -45.83
CA LEU B 170 -1.27 10.62 -45.00
C LEU B 170 -0.59 9.90 -43.84
N THR B 171 0.75 9.82 -43.86
CA THR B 171 1.49 9.10 -42.82
C THR B 171 2.66 9.88 -42.22
N SER B 172 3.22 10.84 -42.92
CA SER B 172 4.24 11.70 -42.36
C SER B 172 3.59 12.65 -41.35
N GLY B 173 4.21 12.77 -40.18
CA GLY B 173 3.67 13.60 -39.13
C GLY B 173 2.56 12.97 -38.29
N VAL B 174 2.22 11.70 -38.52
CA VAL B 174 1.19 11.01 -37.73
C VAL B 174 1.82 10.38 -36.50
N HIS B 175 1.21 10.60 -35.33
CA HIS B 175 1.61 9.98 -34.06
C HIS B 175 0.34 9.49 -33.37
N THR B 176 0.13 8.19 -33.35
CA THR B 176 -0.99 7.62 -32.60
C THR B 176 -0.47 7.17 -31.25
N PHE B 177 -1.03 7.71 -30.16
CA PHE B 177 -0.43 7.48 -28.84
C PHE B 177 -1.00 6.22 -28.21
N PRO B 178 -0.16 5.43 -27.54
CA PRO B 178 -0.67 4.31 -26.72
C PRO B 178 -1.82 4.72 -25.81
N ALA B 179 -2.81 3.83 -25.69
CA ALA B 179 -4.00 4.09 -24.90
C ALA B 179 -3.69 4.18 -23.42
N VAL B 180 -4.51 4.99 -22.72
CA VAL B 180 -4.68 4.96 -21.27
C VAL B 180 -5.72 3.90 -20.95
N LEU B 181 -5.56 3.26 -19.80
CA LEU B 181 -6.57 2.39 -19.22
C LEU B 181 -7.20 3.13 -18.07
N GLN B 182 -8.52 3.29 -18.13
CA GLN B 182 -9.27 4.02 -17.12
C GLN B 182 -9.64 3.10 -15.98
N SER B 183 -10.07 3.71 -14.86
CA SER B 183 -10.46 2.93 -13.71
C SER B 183 -11.71 2.10 -13.96
N SER B 184 -12.52 2.47 -14.97
CA SER B 184 -13.71 1.75 -15.37
C SER B 184 -13.41 0.46 -16.12
N GLY B 185 -12.17 0.25 -16.52
CA GLY B 185 -11.79 -0.86 -17.38
C GLY B 185 -11.70 -0.51 -18.85
N LEU B 186 -12.18 0.67 -19.26
CA LEU B 186 -12.19 1.10 -20.65
C LEU B 186 -10.89 1.81 -21.04
N TYR B 187 -10.56 1.74 -22.31
CA TYR B 187 -9.41 2.43 -22.89
C TYR B 187 -9.84 3.71 -23.61
N SER B 188 -8.91 4.67 -23.66
CA SER B 188 -9.01 5.81 -24.55
C SER B 188 -7.63 6.15 -25.11
N LEU B 189 -7.54 6.48 -26.39
CA LEU B 189 -6.27 6.96 -26.96
C LEU B 189 -6.52 8.18 -27.82
N SER B 190 -5.43 8.83 -28.23
CA SER B 190 -5.51 9.92 -29.21
C SER B 190 -4.54 9.68 -30.34
N SER B 191 -4.85 10.26 -31.48
CA SER B 191 -3.91 10.27 -32.59
C SER B 191 -3.86 11.70 -33.09
N VAL B 192 -2.66 12.19 -33.36
CA VAL B 192 -2.47 13.56 -33.84
C VAL B 192 -1.61 13.51 -35.08
N VAL B 193 -1.85 14.44 -35.98
CA VAL B 193 -1.01 14.61 -37.16
C VAL B 193 -0.64 16.08 -37.22
N THR B 194 0.62 16.33 -37.53
CA THR B 194 1.14 17.67 -37.67
C THR B 194 1.28 17.95 -39.14
N VAL B 195 0.77 19.11 -39.57
CA VAL B 195 0.60 19.46 -40.97
C VAL B 195 0.97 20.93 -41.13
N PRO B 196 1.26 21.38 -42.35
CA PRO B 196 1.52 22.82 -42.53
C PRO B 196 0.30 23.68 -42.23
N SER B 197 0.52 24.82 -41.58
CA SER B 197 -0.58 25.72 -41.30
C SER B 197 -1.20 26.26 -42.58
N SER B 198 -0.37 26.54 -43.59
CA SER B 198 -0.81 26.97 -44.91
C SER B 198 -1.81 26.01 -45.54
N SER B 199 -1.88 24.75 -45.12
CA SER B 199 -2.74 23.75 -45.76
C SER B 199 -4.13 23.64 -45.13
N LEU B 200 -4.41 24.41 -44.10
CA LEU B 200 -5.71 24.28 -43.46
C LEU B 200 -6.80 24.87 -44.36
N GLY B 201 -7.99 24.26 -44.31
CA GLY B 201 -9.11 24.72 -45.13
C GLY B 201 -9.06 24.25 -46.57
N THR B 202 -7.98 24.61 -47.26
CA THR B 202 -7.78 24.20 -48.64
C THR B 202 -7.40 22.74 -48.78
N GLN B 203 -7.16 22.05 -47.65
CA GLN B 203 -6.98 20.60 -47.56
C GLN B 203 -7.82 20.12 -46.39
N THR B 204 -8.36 18.90 -46.50
CA THR B 204 -9.25 18.37 -45.47
C THR B 204 -8.73 17.01 -44.98
N TYR B 205 -8.79 16.81 -43.65
CA TYR B 205 -8.16 15.68 -42.96
C TYR B 205 -9.20 14.81 -42.26
N ILE B 206 -9.10 13.50 -42.47
CA ILE B 206 -10.11 12.56 -42.00
C ILE B 206 -9.39 11.47 -41.24
N CYS B 207 -9.85 11.18 -40.00
CA CYS B 207 -9.33 10.03 -39.27
C CYS B 207 -10.26 8.85 -39.38
N ASN B 208 -9.65 7.70 -39.66
CA ASN B 208 -10.31 6.43 -39.88
C ASN B 208 -9.94 5.54 -38.70
N VAL B 209 -10.93 5.25 -37.86
CA VAL B 209 -10.76 4.51 -36.63
C VAL B 209 -11.37 3.15 -36.87
N ASN B 210 -10.59 2.10 -36.65
CA ASN B 210 -11.09 0.75 -36.76
C ASN B 210 -10.95 0.08 -35.40
N HIS B 211 -12.04 -0.46 -34.89
CA HIS B 211 -12.06 -1.28 -33.68
C HIS B 211 -12.64 -2.59 -34.13
N LYS B 212 -11.75 -3.55 -34.45
CA LYS B 212 -12.12 -4.86 -34.96
C LYS B 212 -12.76 -5.70 -33.86
N PRO B 213 -12.34 -5.61 -32.59
CA PRO B 213 -13.13 -6.31 -31.56
C PRO B 213 -14.59 -5.87 -31.51
N SER B 214 -14.90 -4.65 -31.96
CA SER B 214 -16.29 -4.32 -32.20
C SER B 214 -16.47 -3.62 -33.58
N ASN B 215 -16.23 -4.24 -34.76
CA ASN B 215 -16.52 -3.72 -36.12
C ASN B 215 -17.10 -2.36 -36.14
N THR B 216 -16.57 -1.51 -35.28
CA THR B 216 -16.92 -0.11 -35.35
C THR B 216 -15.84 0.47 -36.21
N LYS B 217 -16.24 1.01 -37.34
CA LYS B 217 -15.35 1.78 -38.17
C LYS B 217 -15.98 3.17 -38.17
N VAL B 218 -15.14 4.17 -37.97
CA VAL B 218 -15.55 5.56 -37.93
C VAL B 218 -14.62 6.34 -38.85
N ASP B 219 -15.20 7.11 -39.77
CA ASP B 219 -14.45 8.16 -40.44
C ASP B 219 -14.96 9.48 -39.91
N LYS B 220 -14.05 10.38 -39.57
CA LYS B 220 -14.40 11.66 -38.97
C LYS B 220 -13.46 12.71 -39.50
N ARG B 221 -13.96 13.81 -40.06
CA ARG B 221 -12.91 14.79 -40.37
C ARG B 221 -12.76 15.80 -39.28
N VAL B 222 -11.56 16.34 -39.25
CA VAL B 222 -11.16 17.31 -38.26
C VAL B 222 -10.95 18.63 -39.00
N GLU B 223 -11.60 19.67 -38.51
CA GLU B 223 -11.62 20.97 -39.15
C GLU B 223 -11.26 22.00 -38.11
N PRO B 224 -10.72 23.14 -38.52
CA PRO B 224 -10.50 24.23 -37.55
C PRO B 224 -11.80 24.95 -37.23
N LYS B 225 -11.78 25.69 -36.13
CA LYS B 225 -13.02 26.39 -35.72
C LYS B 225 -12.90 27.91 -35.68
N GLN C 1 1.73 9.61 -1.82
CA GLN C 1 3.14 9.81 -1.50
C GLN C 1 3.70 8.64 -0.66
N ALA C 2 4.89 8.16 -1.05
CA ALA C 2 5.48 7.00 -0.40
C ALA C 2 6.03 7.40 0.98
N ALA C 3 6.27 6.39 1.82
CA ALA C 3 6.81 6.68 3.14
C ALA C 3 8.27 7.13 3.08
N LEU C 4 9.05 6.58 2.16
CA LEU C 4 10.42 7.02 1.94
C LEU C 4 10.48 7.69 0.57
N THR C 5 11.26 8.77 0.48
CA THR C 5 11.25 9.62 -0.71
C THR C 5 12.48 9.31 -1.55
N GLN C 6 12.27 8.92 -2.82
CA GLN C 6 13.34 8.72 -3.79
C GLN C 6 13.10 9.63 -4.99
N PRO C 7 14.13 9.93 -5.79
CA PRO C 7 13.88 10.65 -7.05
C PRO C 7 13.17 9.73 -8.03
N ARG C 8 12.38 10.33 -8.93
CA ARG C 8 11.65 9.51 -9.91
C ARG C 8 12.60 8.91 -10.94
N SER C 9 13.63 9.64 -11.35
CA SER C 9 14.46 9.24 -12.47
C SER C 9 15.92 9.55 -12.16
N VAL C 10 16.83 8.62 -12.48
CA VAL C 10 18.27 8.89 -12.44
C VAL C 10 18.85 8.24 -13.69
N SER C 11 20.03 8.70 -14.12
CA SER C 11 20.57 8.16 -15.37
C SER C 11 22.07 8.39 -15.39
N GLY C 12 22.75 7.56 -16.22
CA GLY C 12 24.19 7.69 -16.48
C GLY C 12 24.54 6.93 -17.74
N SER C 13 25.69 7.27 -18.31
CA SER C 13 26.17 6.56 -19.49
C SER C 13 26.87 5.26 -19.11
N PRO C 14 27.00 4.35 -20.09
CA PRO C 14 27.68 3.09 -19.82
C PRO C 14 29.11 3.33 -19.29
N GLY C 15 29.48 2.57 -18.27
CA GLY C 15 30.77 2.72 -17.63
C GLY C 15 30.80 3.75 -16.52
N GLN C 16 29.81 4.62 -16.40
CA GLN C 16 29.83 5.65 -15.36
C GLN C 16 29.10 5.21 -14.09
N SER C 17 29.06 6.10 -13.10
CA SER C 17 28.44 5.85 -11.80
C SER C 17 27.13 6.60 -11.63
N VAL C 18 26.27 6.08 -10.77
CA VAL C 18 25.07 6.82 -10.42
C VAL C 18 24.66 6.43 -9.02
N THR C 19 24.00 7.36 -8.34
CA THR C 19 23.52 7.18 -6.99
C THR C 19 22.04 7.51 -6.93
N ILE C 20 21.30 6.71 -6.17
CA ILE C 20 19.88 6.87 -5.90
C ILE C 20 19.73 7.11 -4.42
N SER C 21 19.07 8.20 -4.05
CA SER C 21 18.88 8.52 -2.65
C SER C 21 17.53 8.02 -2.17
N CYS C 22 17.43 7.90 -0.85
CA CYS C 22 16.21 7.42 -0.20
C CYS C 22 16.11 8.13 1.15
N THR C 23 15.20 9.08 1.29
CA THR C 23 15.13 9.88 2.52
C THR C 23 13.98 9.43 3.39
N GLY C 24 14.28 9.16 4.65
CA GLY C 24 13.27 8.88 5.65
C GLY C 24 13.47 9.77 6.86
N THR C 25 13.22 9.20 8.03
CA THR C 25 13.24 9.93 9.30
C THR C 25 14.18 9.22 10.26
N SER C 26 14.34 9.81 11.45
CA SER C 26 15.26 9.26 12.43
C SER C 26 14.75 7.96 13.04
N SER C 27 13.48 7.64 12.86
CA SER C 27 12.94 6.40 13.40
C SER C 27 12.91 5.26 12.38
N ASP C 28 13.45 5.49 11.18
CA ASP C 28 13.64 4.37 10.26
C ASP C 28 15.07 4.37 9.73
N ILE C 29 15.34 5.06 8.61
CA ILE C 29 16.69 5.07 8.06
C ILE C 29 17.69 5.64 9.05
N GLY C 30 17.29 6.67 9.80
CA GLY C 30 18.23 7.32 10.71
C GLY C 30 18.52 6.52 11.96
N GLY C 31 17.66 5.58 12.32
CA GLY C 31 17.78 4.98 13.63
C GLY C 31 18.16 3.52 13.64
N TYR C 32 18.15 2.90 12.46
CA TYR C 32 18.26 1.46 12.34
C TYR C 32 18.92 1.10 11.02
N ASN C 33 19.44 -0.12 10.97
CA ASN C 33 20.20 -0.60 9.83
C ASN C 33 19.42 -1.60 8.97
N TYR C 34 18.08 -1.59 9.09
CA TYR C 34 17.21 -2.46 8.29
C TYR C 34 16.90 -1.85 6.93
N VAL C 35 17.93 -1.37 6.25
CA VAL C 35 17.79 -0.64 5.00
C VAL C 35 18.19 -1.54 3.85
N SER C 36 17.23 -1.77 2.95
CA SER C 36 17.39 -2.68 1.82
C SER C 36 17.04 -1.99 0.51
N TRP C 37 17.59 -2.54 -0.59
CA TRP C 37 17.38 -2.04 -1.95
C TRP C 37 17.03 -3.21 -2.85
N TYR C 38 15.98 -3.01 -3.70
CA TYR C 38 15.42 -4.01 -4.60
C TYR C 38 15.42 -3.53 -6.06
N GLN C 39 15.77 -4.43 -6.96
CA GLN C 39 15.80 -4.14 -8.38
C GLN C 39 14.59 -4.82 -9.01
N GLN C 40 13.97 -4.17 -9.97
CA GLN C 40 12.76 -4.72 -10.60
C GLN C 40 12.79 -4.38 -12.08
N HIS C 41 12.95 -5.42 -12.89
CA HIS C 41 12.78 -5.29 -14.34
C HIS C 41 11.30 -5.45 -14.69
N PRO C 42 10.86 -4.91 -15.83
CA PRO C 42 9.44 -5.04 -16.23
C PRO C 42 9.01 -6.49 -16.25
N GLY C 43 7.88 -6.77 -15.60
CA GLY C 43 7.35 -8.09 -15.72
C GLY C 43 7.93 -9.09 -14.78
N THR C 44 8.83 -8.72 -13.86
CA THR C 44 9.38 -9.68 -12.90
C THR C 44 9.25 -9.18 -11.46
N ALA C 45 9.44 -10.11 -10.54
CA ALA C 45 9.40 -9.80 -9.12
C ALA C 45 10.62 -8.97 -8.69
N PRO C 46 10.48 -8.18 -7.63
CA PRO C 46 11.64 -7.49 -7.02
C PRO C 46 12.74 -8.48 -6.62
N LYS C 47 13.99 -8.04 -6.72
CA LYS C 47 15.13 -8.87 -6.36
C LYS C 47 15.99 -8.10 -5.36
N LEU C 48 16.35 -8.73 -4.25
CA LEU C 48 17.14 -8.05 -3.23
C LEU C 48 18.57 -7.84 -3.71
N MET C 49 19.05 -6.60 -3.67
CA MET C 49 20.39 -6.21 -4.11
C MET C 49 21.30 -5.78 -2.97
N ILE C 50 20.72 -5.07 -1.98
CA ILE C 50 21.50 -4.59 -0.84
C ILE C 50 20.65 -4.73 0.41
N TYR C 51 21.26 -5.12 1.53
CA TYR C 51 20.54 -5.24 2.80
C TYR C 51 21.48 -4.79 3.91
N ALA C 52 20.93 -4.55 5.10
CA ALA C 52 21.71 -3.96 6.20
C ALA C 52 22.52 -2.76 5.73
N VAL C 53 21.89 -1.89 4.91
CA VAL C 53 22.46 -0.66 4.38
C VAL C 53 23.51 -0.86 3.27
N SER C 54 24.42 -1.81 3.44
CA SER C 54 25.62 -1.86 2.61
C SER C 54 26.06 -3.26 2.17
N GLU C 55 25.36 -4.31 2.60
CA GLU C 55 25.78 -5.68 2.33
C GLU C 55 25.08 -6.20 1.09
N ARG C 56 25.78 -7.03 0.30
CA ARG C 56 25.12 -7.55 -0.90
C ARG C 56 25.01 -9.07 -0.88
N PRO C 57 23.87 -9.64 -1.30
CA PRO C 57 23.78 -11.10 -1.40
C PRO C 57 24.80 -11.68 -2.35
N SER C 58 25.16 -12.93 -2.11
CA SER C 58 26.08 -13.60 -3.02
C SER C 58 25.44 -13.63 -4.40
N GLY C 59 26.25 -13.43 -5.44
CA GLY C 59 25.72 -13.40 -6.79
C GLY C 59 25.37 -12.01 -7.30
N VAL C 60 25.22 -11.03 -6.44
CA VAL C 60 24.99 -9.65 -6.86
C VAL C 60 26.34 -9.02 -7.19
N SER C 61 26.41 -8.27 -8.31
CA SER C 61 27.66 -7.65 -8.74
C SER C 61 28.23 -6.73 -7.66
N ASP C 62 29.56 -6.74 -7.47
CA ASP C 62 30.04 -5.79 -6.49
C ASP C 62 30.08 -4.36 -7.04
N ARG C 63 29.54 -4.14 -8.26
CA ARG C 63 29.28 -2.80 -8.74
C ARG C 63 28.14 -2.12 -7.99
N PHE C 64 27.31 -2.89 -7.28
CA PHE C 64 26.27 -2.32 -6.45
C PHE C 64 26.78 -2.15 -5.03
N SER C 65 26.63 -0.95 -4.46
CA SER C 65 27.03 -0.69 -3.07
C SER C 65 26.02 0.23 -2.42
N GLY C 66 25.98 0.23 -1.08
CA GLY C 66 25.04 1.04 -0.34
C GLY C 66 25.70 1.72 0.86
N SER C 67 25.16 2.88 1.22
CA SER C 67 25.63 3.62 2.39
C SER C 67 24.46 4.43 2.93
N LYS C 68 24.69 5.11 4.06
CA LYS C 68 23.70 6.05 4.57
C LYS C 68 24.39 7.16 5.35
N SER C 69 23.70 8.28 5.45
CA SER C 69 24.16 9.44 6.20
C SER C 69 22.91 10.15 6.70
N GLY C 70 22.88 10.38 8.02
CA GLY C 70 21.67 10.95 8.59
C GLY C 70 20.48 10.08 8.27
N ASN C 71 19.38 10.71 7.86
CA ASN C 71 18.16 9.99 7.51
C ASN C 71 18.06 9.64 6.01
N THR C 72 19.18 9.68 5.28
CA THR C 72 19.16 9.39 3.85
C THR C 72 20.09 8.22 3.54
N ALA C 73 19.53 7.20 2.91
CA ALA C 73 20.29 6.07 2.38
C ALA C 73 20.61 6.29 0.90
N SER C 74 21.70 5.71 0.44
CA SER C 74 22.13 5.85 -0.95
C SER C 74 22.53 4.50 -1.53
N LEU C 75 21.96 4.18 -2.69
CA LEU C 75 22.39 3.06 -3.53
C LEU C 75 23.29 3.64 -4.61
N THR C 76 24.51 3.11 -4.76
CA THR C 76 25.42 3.52 -5.82
C THR C 76 25.73 2.37 -6.75
N ILE C 77 25.70 2.64 -8.04
CA ILE C 77 25.95 1.65 -9.09
C ILE C 77 27.06 2.20 -9.94
N SER C 78 28.23 1.55 -9.88
CA SER C 78 29.37 1.96 -10.66
C SER C 78 29.45 1.12 -11.92
N GLY C 79 30.22 1.61 -12.90
CA GLY C 79 30.52 0.82 -14.09
C GLY C 79 29.23 0.38 -14.82
N LEU C 80 28.32 1.33 -15.03
CA LEU C 80 26.96 1.00 -15.51
C LEU C 80 26.94 0.13 -16.75
N GLN C 81 26.07 -0.89 -16.73
CA GLN C 81 25.84 -1.84 -17.81
C GLN C 81 24.38 -1.73 -18.24
N ALA C 82 24.13 -2.04 -19.53
CA ALA C 82 22.77 -1.96 -20.06
C ALA C 82 21.76 -2.68 -19.16
N GLU C 83 22.09 -3.88 -18.68
CA GLU C 83 21.17 -4.66 -17.85
C GLU C 83 20.83 -4.00 -16.51
N ASP C 84 21.55 -2.94 -16.10
CA ASP C 84 21.17 -2.23 -14.87
C ASP C 84 19.92 -1.37 -15.05
N GLU C 85 19.52 -1.04 -16.27
CA GLU C 85 18.32 -0.24 -16.46
C GLU C 85 17.10 -0.95 -15.87
N ALA C 86 16.42 -0.30 -14.95
CA ALA C 86 15.41 -0.98 -14.13
C ALA C 86 14.82 0.04 -13.15
N ASP C 87 13.79 -0.39 -12.40
CA ASP C 87 13.32 0.36 -11.26
C ASP C 87 14.01 -0.15 -9.99
N TYR C 88 14.35 0.77 -9.10
CA TYR C 88 14.96 0.44 -7.83
C TYR C 88 14.11 0.97 -6.68
N TYR C 89 13.89 0.14 -5.68
CA TYR C 89 13.08 0.52 -4.53
C TYR C 89 13.92 0.38 -3.28
N CYS C 90 13.93 1.42 -2.44
CA CYS C 90 14.49 1.24 -1.12
C CYS C 90 13.37 0.83 -0.18
N CYS C 91 13.76 0.28 0.96
CA CYS C 91 12.83 -0.18 1.97
C CYS C 91 13.53 -0.08 3.31
N SER C 92 12.74 0.12 4.37
CA SER C 92 13.20 -0.01 5.76
C SER C 92 12.18 -0.86 6.51
N TYR C 93 12.62 -1.93 7.14
CA TYR C 93 11.70 -2.72 7.94
C TYR C 93 12.24 -2.87 9.36
N ALA C 94 12.34 -1.75 10.07
CA ALA C 94 12.69 -1.76 11.48
C ALA C 94 11.44 -1.84 12.33
N GLY C 95 10.65 -2.89 12.11
CA GLY C 95 9.41 -3.13 12.82
C GLY C 95 8.16 -2.75 12.05
N THR C 96 8.25 -1.77 11.14
CA THR C 96 7.13 -1.41 10.25
C THR C 96 7.69 -1.30 8.84
N VAL C 97 6.97 -1.86 7.88
CA VAL C 97 7.44 -1.88 6.50
C VAL C 97 7.24 -0.49 5.88
N LEU C 98 8.34 0.14 5.47
CA LEU C 98 8.23 1.43 4.78
C LEU C 98 8.95 1.33 3.44
N PHE C 99 8.22 1.45 2.34
CA PHE C 99 8.81 1.43 1.01
C PHE C 99 9.04 2.83 0.48
N GLY C 100 10.10 2.97 -0.32
CA GLY C 100 10.23 4.12 -1.19
C GLY C 100 9.33 4.05 -2.41
N GLY C 101 9.19 5.18 -3.09
CA GLY C 101 8.30 5.22 -4.22
C GLY C 101 8.89 4.68 -5.50
N GLY C 102 10.19 4.41 -5.51
CA GLY C 102 10.81 3.84 -6.70
C GLY C 102 11.55 4.85 -7.56
N THR C 103 12.72 4.45 -8.07
CA THR C 103 13.47 5.26 -9.01
C THR C 103 13.67 4.50 -10.31
N ARG C 104 13.35 5.13 -11.45
CA ARG C 104 13.68 4.52 -12.72
C ARG C 104 15.11 4.89 -13.08
N LEU C 105 15.98 3.90 -13.25
CA LEU C 105 17.36 4.11 -13.70
C LEU C 105 17.43 3.87 -15.20
N THR C 106 17.84 4.90 -15.92
CA THR C 106 18.14 4.78 -17.34
C THR C 106 19.66 4.76 -17.58
N VAL C 107 20.09 3.83 -18.42
CA VAL C 107 21.50 3.82 -18.90
C VAL C 107 21.45 4.50 -20.26
N LEU C 108 21.95 5.71 -20.36
CA LEU C 108 21.83 6.49 -21.61
C LEU C 108 22.49 5.82 -22.82
N GLY C 109 21.71 5.67 -23.89
CA GLY C 109 22.14 5.26 -25.24
C GLY C 109 22.04 6.38 -26.24
N GLN C 110 21.62 7.55 -25.76
CA GLN C 110 21.50 8.73 -26.63
C GLN C 110 21.43 9.96 -25.72
N PRO C 111 21.67 11.16 -26.27
CA PRO C 111 21.54 12.37 -25.48
C PRO C 111 20.14 12.56 -24.85
N LYS C 112 20.07 13.14 -23.65
CA LYS C 112 18.75 13.49 -23.08
C LYS C 112 17.98 14.39 -24.02
N ALA C 113 16.64 14.32 -23.92
CA ALA C 113 15.79 15.11 -24.78
C ALA C 113 14.52 15.50 -24.06
N ALA C 114 14.20 16.81 -24.11
CA ALA C 114 13.03 17.38 -23.46
C ALA C 114 11.77 17.07 -24.28
N PRO C 115 10.64 16.90 -23.62
CA PRO C 115 9.42 16.52 -24.32
C PRO C 115 8.81 17.67 -25.13
N SER C 116 8.13 17.31 -26.23
CA SER C 116 7.16 18.21 -26.85
C SER C 116 5.78 17.91 -26.26
N VAL C 117 5.02 18.97 -26.01
CA VAL C 117 3.74 18.87 -25.33
C VAL C 117 2.69 19.53 -26.21
N THR C 118 1.60 18.82 -26.50
CA THR C 118 0.46 19.35 -27.25
C THR C 118 -0.77 19.18 -26.40
N LEU C 119 -1.53 20.25 -26.19
CA LEU C 119 -2.67 20.23 -25.29
C LEU C 119 -3.92 20.59 -26.11
N PHE C 120 -4.97 19.80 -25.95
CA PHE C 120 -6.21 20.09 -26.71
C PHE C 120 -7.33 20.33 -25.73
N PRO C 121 -8.18 21.35 -25.94
CA PRO C 121 -9.36 21.55 -25.09
C PRO C 121 -10.48 20.59 -25.49
N PRO C 122 -11.57 20.53 -24.72
CA PRO C 122 -12.73 19.71 -25.14
C PRO C 122 -13.26 20.16 -26.49
N SER C 123 -13.65 19.21 -27.34
CA SER C 123 -14.35 19.53 -28.58
C SER C 123 -15.77 20.01 -28.30
N SER C 124 -16.29 20.85 -29.19
CA SER C 124 -17.67 21.26 -29.01
C SER C 124 -18.60 20.06 -29.14
N GLU C 125 -18.24 19.09 -30.00
CA GLU C 125 -19.03 17.84 -30.06
C GLU C 125 -19.11 17.18 -28.69
N GLU C 126 -17.97 17.02 -28.00
CA GLU C 126 -18.02 16.33 -26.71
C GLU C 126 -18.82 17.11 -25.68
N LEU C 127 -18.62 18.43 -25.61
CA LEU C 127 -19.36 19.24 -24.64
C LEU C 127 -20.88 19.07 -24.82
N GLN C 128 -21.35 19.02 -26.06
CA GLN C 128 -22.76 18.75 -26.32
C GLN C 128 -23.17 17.33 -25.95
N ALA C 129 -22.21 16.43 -25.69
CA ALA C 129 -22.49 15.10 -25.16
C ALA C 129 -22.40 15.10 -23.66
N ASN C 130 -22.31 16.28 -23.05
CA ASN C 130 -22.30 16.43 -21.60
C ASN C 130 -21.03 15.86 -20.97
N LYS C 131 -19.92 15.93 -21.69
CA LYS C 131 -18.62 15.50 -21.17
C LYS C 131 -17.57 16.52 -21.57
N ALA C 132 -16.35 16.38 -21.04
CA ALA C 132 -15.31 17.37 -21.30
C ALA C 132 -13.96 16.72 -20.96
N THR C 133 -13.15 16.43 -21.98
CA THR C 133 -11.84 15.81 -21.84
C THR C 133 -10.76 16.77 -22.34
N LEU C 134 -9.79 17.07 -21.49
CA LEU C 134 -8.57 17.74 -21.92
C LEU C 134 -7.49 16.70 -22.19
N VAL C 135 -6.75 16.90 -23.27
CA VAL C 135 -5.86 15.88 -23.80
C VAL C 135 -4.46 16.47 -23.87
N CYS C 136 -3.54 15.91 -23.12
CA CYS C 136 -2.19 16.45 -23.10
C CYS C 136 -1.28 15.34 -23.61
N LEU C 137 -0.66 15.55 -24.77
CA LEU C 137 0.17 14.56 -25.46
C LEU C 137 1.64 14.95 -25.32
N ILE C 138 2.46 14.01 -24.88
CA ILE C 138 3.86 14.27 -24.50
C ILE C 138 4.75 13.36 -25.33
N SER C 139 5.65 13.93 -26.13
CA SER C 139 6.35 13.09 -27.08
C SER C 139 7.85 13.44 -27.16
N ASP C 140 8.63 12.43 -27.59
CA ASP C 140 10.04 12.59 -27.94
C ASP C 140 10.91 12.94 -26.74
N PHE C 141 10.63 12.37 -25.56
CA PHE C 141 11.47 12.68 -24.41
C PHE C 141 12.38 11.51 -24.05
N TYR C 142 13.54 11.83 -23.41
CA TYR C 142 14.45 10.76 -23.03
C TYR C 142 15.36 11.33 -21.93
N PRO C 143 15.54 10.65 -20.78
CA PRO C 143 14.97 9.38 -20.30
C PRO C 143 13.43 9.30 -20.30
N GLY C 144 12.89 8.08 -20.36
CA GLY C 144 11.42 7.88 -20.34
C GLY C 144 10.84 8.03 -18.94
N ALA C 145 10.81 9.25 -18.42
CA ALA C 145 10.25 9.49 -17.09
C ALA C 145 9.72 10.92 -17.04
N VAL C 146 8.46 11.08 -16.67
CA VAL C 146 7.91 12.42 -16.65
C VAL C 146 6.91 12.49 -15.50
N THR C 147 6.71 13.69 -14.96
CA THR C 147 5.60 13.91 -14.01
C THR C 147 4.70 15.00 -14.55
N VAL C 148 3.38 14.76 -14.50
CA VAL C 148 2.39 15.64 -15.09
C VAL C 148 1.53 16.22 -13.97
N ALA C 149 1.34 17.53 -14.00
CA ALA C 149 0.50 18.23 -13.04
C ALA C 149 -0.42 19.16 -13.81
N TRP C 150 -1.66 19.22 -13.38
CA TRP C 150 -2.68 19.97 -14.07
C TRP C 150 -3.16 21.13 -13.21
N LYS C 151 -3.33 22.30 -13.82
CA LYS C 151 -3.83 23.47 -13.12
C LYS C 151 -5.20 23.88 -13.67
N ALA C 152 -6.13 24.18 -12.76
CA ALA C 152 -7.34 24.94 -13.08
C ALA C 152 -7.11 26.40 -12.72
N ASP C 153 -6.97 27.26 -13.74
CA ASP C 153 -6.49 28.63 -13.56
C ASP C 153 -5.09 28.56 -13.00
N SER C 154 -4.93 28.99 -11.74
CA SER C 154 -3.63 29.06 -11.07
C SER C 154 -3.48 27.98 -10.01
N SER C 155 -4.44 27.07 -9.89
CA SER C 155 -4.51 26.22 -8.72
C SER C 155 -4.42 24.74 -9.11
N PRO C 156 -3.77 23.92 -8.29
CA PRO C 156 -3.63 22.48 -8.61
C PRO C 156 -4.97 21.77 -8.75
N VAL C 157 -4.99 20.73 -9.59
CA VAL C 157 -6.18 19.91 -9.86
C VAL C 157 -5.93 18.48 -9.38
N LYS C 158 -6.71 18.02 -8.42
CA LYS C 158 -6.55 16.66 -7.90
C LYS C 158 -7.16 15.58 -8.80
N ALA C 159 -8.49 15.49 -8.79
CA ALA C 159 -9.22 14.34 -9.33
C ALA C 159 -9.48 14.49 -10.82
N GLY C 160 -9.73 13.35 -11.46
CA GLY C 160 -10.02 13.33 -12.88
C GLY C 160 -8.79 13.25 -13.77
N VAL C 161 -7.60 13.01 -13.22
CA VAL C 161 -6.39 12.89 -14.04
C VAL C 161 -6.12 11.42 -14.30
N GLU C 162 -5.91 11.07 -15.58
CA GLU C 162 -5.44 9.74 -15.95
C GLU C 162 -4.21 9.89 -16.84
N THR C 163 -3.07 9.32 -16.42
CA THR C 163 -1.80 9.51 -17.12
C THR C 163 -1.22 8.16 -17.50
N THR C 164 -0.72 8.04 -18.73
CA THR C 164 -0.18 6.76 -19.15
C THR C 164 1.25 6.59 -18.61
N THR C 165 1.76 5.37 -18.64
CA THR C 165 3.20 5.23 -18.46
C THR C 165 3.90 5.57 -19.75
N PRO C 166 5.17 5.97 -19.69
CA PRO C 166 5.90 6.21 -20.92
C PRO C 166 6.07 4.93 -21.72
N SER C 167 6.06 5.08 -23.03
CA SER C 167 6.27 3.93 -23.88
C SER C 167 7.25 4.33 -24.96
N LYS C 168 8.11 3.38 -25.32
CA LYS C 168 9.17 3.64 -26.28
C LYS C 168 8.60 3.85 -27.69
N GLN C 169 8.98 4.95 -28.33
CA GLN C 169 8.66 5.19 -29.74
C GLN C 169 9.66 4.44 -30.62
N SER C 170 9.49 4.55 -31.93
CA SER C 170 10.42 3.84 -32.83
C SER C 170 11.83 4.40 -32.72
N ASN C 171 11.96 5.72 -32.48
CA ASN C 171 13.26 6.37 -32.44
C ASN C 171 13.95 6.23 -31.08
N ASN C 172 13.37 5.45 -30.17
CA ASN C 172 13.87 5.08 -28.83
C ASN C 172 13.68 6.19 -27.78
N LYS C 173 13.20 7.36 -28.17
CA LYS C 173 12.59 8.29 -27.22
C LYS C 173 11.21 7.76 -26.79
N TYR C 174 10.55 8.51 -25.90
CA TYR C 174 9.36 8.03 -25.26
C TYR C 174 8.19 8.98 -25.49
N ALA C 175 7.00 8.41 -25.33
CA ALA C 175 5.72 9.13 -25.43
C ALA C 175 4.86 8.82 -24.21
N ALA C 176 3.99 9.76 -23.85
CA ALA C 176 3.01 9.54 -22.81
C ALA C 176 1.80 10.43 -23.13
N SER C 177 0.68 10.19 -22.44
CA SER C 177 -0.41 11.16 -22.48
C SER C 177 -1.10 11.29 -21.14
N SER C 178 -1.70 12.45 -20.94
CA SER C 178 -2.44 12.74 -19.72
C SER C 178 -3.80 13.29 -20.13
N TYR C 179 -4.84 12.76 -19.50
CA TYR C 179 -6.23 13.09 -19.79
C TYR C 179 -6.86 13.64 -18.53
N LEU C 180 -7.42 14.86 -18.60
CA LEU C 180 -8.15 15.45 -17.47
C LEU C 180 -9.64 15.45 -17.82
N SER C 181 -10.45 14.75 -17.02
CA SER C 181 -11.90 14.73 -17.21
C SER C 181 -12.56 15.75 -16.30
N LEU C 182 -13.50 16.52 -16.87
CA LEU C 182 -14.26 17.53 -16.15
C LEU C 182 -15.71 17.42 -16.58
N THR C 183 -16.62 18.08 -15.83
CA THR C 183 -17.97 18.30 -16.37
C THR C 183 -17.92 19.48 -17.32
N PRO C 184 -18.90 19.61 -18.24
CA PRO C 184 -18.87 20.80 -19.10
C PRO C 184 -18.92 22.10 -18.30
N GLU C 185 -19.55 22.11 -17.13
CA GLU C 185 -19.66 23.37 -16.41
C GLU C 185 -18.39 23.70 -15.64
N GLN C 186 -17.65 22.68 -15.17
CA GLN C 186 -16.28 22.91 -14.69
C GLN C 186 -15.44 23.62 -15.75
N TRP C 187 -15.42 23.07 -16.97
CA TRP C 187 -14.61 23.64 -18.04
C TRP C 187 -14.98 25.09 -18.32
N LYS C 188 -16.30 25.38 -18.43
CA LYS C 188 -16.75 26.70 -18.86
C LYS C 188 -16.49 27.77 -17.81
N SER C 189 -16.32 27.38 -16.54
CA SER C 189 -16.30 28.32 -15.42
C SER C 189 -14.92 28.90 -15.16
N HIS C 190 -13.85 28.11 -15.26
CA HIS C 190 -12.52 28.65 -15.04
C HIS C 190 -12.04 29.38 -16.29
N ARG C 191 -11.06 30.27 -16.12
CA ARG C 191 -10.57 31.03 -17.26
C ARG C 191 -9.64 30.21 -18.16
N SER C 192 -8.93 29.24 -17.58
CA SER C 192 -8.00 28.42 -18.34
C SER C 192 -7.73 27.13 -17.56
N TYR C 193 -7.23 26.13 -18.28
CA TYR C 193 -6.61 24.97 -17.67
C TYR C 193 -5.21 24.81 -18.25
N SER C 194 -4.33 24.19 -17.49
CA SER C 194 -2.92 24.09 -17.85
C SER C 194 -2.41 22.68 -17.64
N CYS C 195 -1.60 22.20 -18.58
CA CYS C 195 -0.91 20.92 -18.48
C CYS C 195 0.57 21.20 -18.29
N GLN C 196 1.13 20.74 -17.17
CA GLN C 196 2.51 21.05 -16.80
C GLN C 196 3.30 19.74 -16.74
N VAL C 197 4.31 19.64 -17.58
CA VAL C 197 5.05 18.40 -17.75
C VAL C 197 6.51 18.63 -17.27
N THR C 198 6.93 17.88 -16.26
CA THR C 198 8.28 18.04 -15.73
C THR C 198 9.12 16.84 -16.14
N HIS C 199 10.26 17.12 -16.74
CA HIS C 199 11.19 16.12 -17.22
C HIS C 199 12.59 16.55 -16.79
N GLU C 200 13.28 15.72 -16.02
CA GLU C 200 14.66 16.01 -15.56
C GLU C 200 14.73 17.38 -14.88
N GLY C 201 13.72 17.65 -14.04
CA GLY C 201 13.61 18.86 -13.26
C GLY C 201 13.34 20.13 -14.04
N SER C 202 12.98 20.05 -15.32
CA SER C 202 12.63 21.22 -16.10
C SER C 202 11.18 21.06 -16.57
N THR C 203 10.39 22.13 -16.46
CA THR C 203 8.94 22.04 -16.70
C THR C 203 8.53 22.75 -17.98
N VAL C 204 7.69 22.08 -18.76
CA VAL C 204 7.10 22.62 -19.97
C VAL C 204 5.60 22.68 -19.71
N GLU C 205 4.98 23.82 -20.02
CA GLU C 205 3.58 24.04 -19.71
C GLU C 205 2.82 24.54 -20.92
N LYS C 206 1.59 24.04 -21.09
CA LYS C 206 0.67 24.42 -22.15
C LYS C 206 -0.68 24.76 -21.53
N THR C 207 -1.38 25.75 -22.11
CA THR C 207 -2.65 26.22 -21.54
C THR C 207 -3.71 26.39 -22.63
N VAL C 208 -4.94 26.05 -22.28
CA VAL C 208 -6.09 26.23 -23.16
C VAL C 208 -7.21 26.87 -22.34
N ALA C 209 -8.10 27.59 -23.02
CA ALA C 209 -9.19 28.32 -22.38
C ALA C 209 -10.47 28.17 -23.19
N PRO C 210 -11.63 28.24 -22.55
CA PRO C 210 -12.91 28.16 -23.31
C PRO C 210 -13.07 29.35 -24.25
N THR C 211 -13.11 29.06 -25.55
CA THR C 211 -13.29 30.10 -26.55
C THR C 211 -14.75 30.52 -26.65
C1 NAG D . -8.02 8.94 21.01
C2 NAG D . -9.51 9.18 21.04
C3 NAG D . -10.02 9.59 19.65
C4 NAG D . -9.29 10.81 19.14
C5 NAG D . -7.80 10.51 19.16
C6 NAG D . -6.89 11.69 18.85
C7 NAG D . -11.09 7.81 22.27
C8 NAG D . -11.36 6.41 22.68
N2 NAG D . -10.14 7.93 21.36
O3 NAG D . -11.43 9.83 19.70
O4 NAG D . -9.76 11.14 17.83
O5 NAG D . -7.42 10.11 20.47
O6 NAG D . -7.56 12.87 19.29
O7 NAG D . -11.69 8.75 22.72
C1 NAG D . -10.44 12.42 17.78
C2 NAG D . -10.37 12.98 16.37
C3 NAG D . -11.03 14.34 16.32
C4 NAG D . -12.48 14.19 16.74
C5 NAG D . -12.47 13.59 18.14
C6 NAG D . -13.85 13.37 18.75
C7 NAG D . -8.48 12.05 15.20
C8 NAG D . -6.99 12.01 15.08
N2 NAG D . -8.99 13.05 15.90
O3 NAG D . -10.94 14.87 15.01
O4 NAG D . -13.15 15.47 16.67
O5 NAG D . -11.81 12.33 18.13
O6 NAG D . -13.74 13.25 20.17
O7 NAG D . -9.20 11.21 14.70
C1 FUC D . -6.76 13.69 20.16
C2 FUC D . -7.10 15.10 19.75
C3 FUC D . -8.61 15.27 19.81
C4 FUC D . -9.05 15.06 21.26
C5 FUC D . -8.63 13.65 21.61
C6 FUC D . -9.09 13.25 23.01
O2 FUC D . -6.64 15.33 18.41
O3 FUC D . -9.00 16.55 19.31
O4 FUC D . -8.45 16.00 22.14
O5 FUC D . -7.21 13.53 21.50
C1 EDO E . 4.27 -5.26 9.76
O1 EDO E . 4.99 -4.94 10.97
C2 EDO E . 3.61 -4.04 9.13
O2 EDO E . 4.57 -3.05 8.73
#